data_8A47
#
_entry.id   8A47
#
_cell.length_a   217.558
_cell.length_b   108.448
_cell.length_c   63.093
_cell.angle_alpha   90.000
_cell.angle_beta   90.059
_cell.angle_gamma   90.000
#
_symmetry.space_group_name_H-M   'C 1 2 1'
#
loop_
_entity.id
_entity.type
_entity.pdbx_description
1 polymer 'IgG1 Fc'
2 polymer 'IgG-degrading protease'
3 branched 2-acetamido-2-deoxy-beta-D-glucopyranose-(1-2)-alpha-D-mannopyranose-(1-6)-[alpha-D-mannopyranose-(1-3)]beta-D-mannopyranose-(1-4)-2-acetamido-2-deoxy-beta-D-glucopyranose-(1-4)-[alpha-L-fucopyranose-(1-6)]2-acetamido-2-deoxy-beta-D-glucopyranose
4 branched 2-acetamido-2-deoxy-beta-D-glucopyranose-(1-2)-alpha-D-mannopyranose-(1-3)-[2-acetamido-2-deoxy-beta-D-glucopyranose-(1-2)-alpha-D-mannopyranose-(1-6)]beta-D-mannopyranose-(1-4)-2-acetamido-2-deoxy-beta-D-glucopyranose-(1-4)-[alpha-L-fucopyranose-(1-6)]2-acetamido-2-deoxy-beta-D-glucopyranose
5 non-polymer 'SODIUM ION'
6 water water
#
loop_
_entity_poly.entity_id
_entity_poly.type
_entity_poly.pdbx_seq_one_letter_code
_entity_poly.pdbx_strand_id
1 'polypeptide(L)'
;DKTHTCPPCPAPELLGGPSVFLFPPKPKDTLMISRTPEVTCVVVDVSHEDPEVKFNWYVDGVEVHNAKTKPREEQYNSTY
RVVSVLTVLHQDWLNGKEYKCKVSNKALPAPIEKTISKAKGQPREPQVYTLPPSREEMTKNQVSLTCLVKGFYPSDIAVE
WASNGQPENNYKTTPPVLDSDGSFFLYSKLTVDKSRWQQGNVFSCSVMHEALHNHYTQKSLSLSPGK
;
A,B
2 'polypeptide(L)'
;MSEVTPYHVTSVWTKGVTPPAKFTQGEDVFHAPYVANQGWYDITKTFNGKDDLLAGAATAGNMLHWWFDQNNEKIEAYLK
KHPDKQKIMFGDQELLDVRKVINTKGDQTNSELFNYFRDKAFPGLSARRIGVMPDLVLDMFINGYYLNVYKTQTTDVNRT
YQEKDRRGGIFDAVFTRGDQSKLLTSRHDFKEKTLKEISDLIKKELTEGKALGLSHTYANVRINHVINLWGADFDSNGNL
EAIYVTDSDSNASIGMKKYFVGVNSAGKVAISAKEIKEDNIGAQVLGLFTLSTGQDSWNQLEHHHHHH
;
C
#
# COMPACT_ATOMS: atom_id res chain seq x y z
N CYS A 9 -25.34 4.78 24.80
CA CYS A 9 -24.81 5.60 23.67
C CYS A 9 -24.25 4.69 22.59
N PRO A 10 -24.60 4.91 21.31
CA PRO A 10 -23.91 4.24 20.20
C PRO A 10 -22.41 4.46 20.27
N ALA A 11 -21.64 3.43 19.89
CA ALA A 11 -20.21 3.60 19.72
C ALA A 11 -19.75 2.87 18.46
N PRO A 12 -18.97 3.53 17.57
CA PRO A 12 -18.44 2.88 16.38
C PRO A 12 -17.32 1.90 16.74
N GLU A 13 -17.03 0.97 15.83
CA GLU A 13 -15.79 0.21 15.87
C GLU A 13 -15.16 0.23 14.49
N LEU A 14 -13.85 -0.02 14.36
CA LEU A 14 -13.23 -0.04 13.04
C LEU A 14 -13.73 -1.24 12.24
N LEU A 15 -14.04 -0.99 10.96
CA LEU A 15 -14.52 -1.99 10.01
C LEU A 15 -13.61 -1.92 8.81
N GLY A 16 -13.17 -3.08 8.29
CA GLY A 16 -12.16 -3.02 7.24
C GLY A 16 -12.04 -4.31 6.45
N GLY A 17 -11.73 -5.39 7.14
CA GLY A 17 -11.15 -6.56 6.47
C GLY A 17 -10.31 -7.39 7.43
N PRO A 18 -9.48 -8.32 6.91
CA PRO A 18 -8.89 -9.38 7.72
C PRO A 18 -7.62 -9.00 8.48
N SER A 19 -7.39 -9.70 9.61
CA SER A 19 -6.11 -9.75 10.29
C SER A 19 -5.31 -11.01 9.89
N VAL A 20 -5.34 -11.33 8.59
CA VAL A 20 -4.71 -12.51 8.03
C VAL A 20 -3.84 -12.05 6.87
N PHE A 21 -2.57 -12.46 6.85
CA PHE A 21 -1.63 -11.95 5.86
C PHE A 21 -0.82 -13.09 5.29
N LEU A 22 -0.61 -13.04 3.98
CA LEU A 22 0.02 -14.09 3.21
C LEU A 22 1.21 -13.50 2.48
N PHE A 23 2.39 -14.11 2.68
CA PHE A 23 3.65 -13.54 2.24
C PHE A 23 4.31 -14.45 1.22
N PRO A 24 4.92 -13.87 0.17
CA PRO A 24 5.63 -14.68 -0.83
C PRO A 24 6.93 -15.24 -0.28
N PRO A 25 7.68 -16.06 -1.06
CA PRO A 25 9.02 -16.47 -0.66
C PRO A 25 9.99 -15.30 -0.78
N LYS A 26 11.17 -15.49 -0.18
CA LYS A 26 12.28 -14.58 -0.41
C LYS A 26 12.74 -14.82 -1.84
N PRO A 27 12.90 -13.74 -2.64
CA PRO A 27 13.34 -13.87 -4.03
C PRO A 27 14.57 -14.73 -4.24
N LYS A 28 15.56 -14.58 -3.35
CA LYS A 28 16.82 -15.30 -3.51
C LYS A 28 16.62 -16.78 -3.24
N ASP A 29 15.65 -17.11 -2.37
CA ASP A 29 15.38 -18.48 -2.00
C ASP A 29 14.78 -19.24 -3.19
N THR A 30 14.02 -18.52 -4.01
CA THR A 30 13.32 -19.14 -5.13
C THR A 30 14.28 -19.39 -6.29
N LEU A 31 15.42 -18.68 -6.28
CA LEU A 31 16.36 -18.66 -7.39
C LEU A 31 17.58 -19.54 -7.12
N MET A 32 17.73 -20.09 -5.90
CA MET A 32 18.87 -20.94 -5.59
C MET A 32 18.38 -22.31 -5.12
N ILE A 33 18.66 -23.35 -5.91
CA ILE A 33 18.15 -24.70 -5.63
C ILE A 33 18.78 -25.26 -4.36
N SER A 34 19.88 -24.64 -3.89
CA SER A 34 20.46 -24.96 -2.59
C SER A 34 19.53 -24.54 -1.45
N ARG A 35 18.76 -23.47 -1.63
CA ARG A 35 17.91 -22.94 -0.57
C ARG A 35 16.49 -23.45 -0.74
N THR A 36 15.68 -23.33 0.32
CA THR A 36 14.29 -23.76 0.28
C THR A 36 13.38 -22.54 0.43
N PRO A 37 12.56 -22.22 -0.59
CA PRO A 37 11.59 -21.12 -0.49
C PRO A 37 10.34 -21.56 0.24
N GLU A 38 9.75 -20.64 1.01
CA GLU A 38 8.57 -20.91 1.82
C GLU A 38 7.56 -19.78 1.64
N VAL A 39 6.28 -20.16 1.51
CA VAL A 39 5.18 -19.22 1.58
C VAL A 39 4.65 -19.24 3.01
N THR A 40 4.34 -18.06 3.57
CA THR A 40 4.06 -17.94 4.98
C THR A 40 2.70 -17.28 5.21
N CYS A 41 1.90 -17.92 6.05
CA CYS A 41 0.56 -17.42 6.36
C CYS A 41 0.55 -17.00 7.81
N VAL A 42 0.16 -15.74 8.07
CA VAL A 42 0.26 -15.17 9.41
C VAL A 42 -1.07 -14.57 9.85
N VAL A 43 -1.54 -14.94 11.05
CA VAL A 43 -2.73 -14.38 11.64
C VAL A 43 -2.35 -13.58 12.89
N VAL A 44 -2.81 -12.31 12.96
CA VAL A 44 -2.35 -11.42 14.00
C VAL A 44 -3.56 -10.99 14.80
N ASP A 45 -3.28 -10.33 15.94
CA ASP A 45 -4.26 -9.65 16.76
C ASP A 45 -5.32 -10.63 17.24
N VAL A 46 -4.86 -11.84 17.58
CA VAL A 46 -5.73 -12.89 18.06
C VAL A 46 -5.83 -12.72 19.57
N SER A 47 -7.08 -12.72 20.07
CA SER A 47 -7.40 -12.59 21.48
C SER A 47 -7.05 -13.88 22.23
N HIS A 48 -6.85 -13.75 23.54
CA HIS A 48 -6.62 -14.87 24.44
C HIS A 48 -7.90 -15.68 24.66
N GLU A 49 -9.06 -15.05 24.43
CA GLU A 49 -10.35 -15.71 24.51
C GLU A 49 -10.63 -16.53 23.27
N ASP A 50 -10.00 -16.18 22.14
CA ASP A 50 -10.39 -16.77 20.88
C ASP A 50 -10.08 -18.26 20.93
N PRO A 51 -10.69 -19.09 20.04
CA PRO A 51 -10.28 -20.48 19.88
C PRO A 51 -9.20 -20.72 18.82
N GLU A 52 -8.75 -21.97 18.69
CA GLU A 52 -7.65 -22.34 17.80
C GLU A 52 -7.82 -21.79 16.38
N VAL A 53 -6.71 -21.32 15.78
CA VAL A 53 -6.66 -21.04 14.35
C VAL A 53 -6.22 -22.30 13.61
N LYS A 54 -7.00 -22.73 12.63
CA LYS A 54 -6.61 -23.89 11.83
C LYS A 54 -6.20 -23.39 10.45
N PHE A 55 -5.21 -24.06 9.86
CA PHE A 55 -4.73 -23.74 8.52
C PHE A 55 -4.99 -24.91 7.59
N ASN A 56 -5.41 -24.58 6.35
CA ASN A 56 -5.41 -25.52 5.24
C ASN A 56 -4.75 -24.86 4.05
N TRP A 57 -3.94 -25.63 3.32
CA TRP A 57 -3.12 -25.11 2.23
C TRP A 57 -3.51 -25.80 0.92
N TYR A 58 -3.45 -25.04 -0.19
CA TYR A 58 -3.91 -25.49 -1.50
C TYR A 58 -2.94 -24.97 -2.58
N VAL A 59 -2.68 -25.79 -3.61
CA VAL A 59 -1.81 -25.39 -4.71
C VAL A 59 -2.52 -25.66 -6.03
N ASP A 60 -2.93 -24.58 -6.71
CA ASP A 60 -3.80 -24.69 -7.88
C ASP A 60 -5.02 -25.51 -7.52
N GLY A 61 -5.54 -25.27 -6.30
CA GLY A 61 -6.78 -25.85 -5.81
C GLY A 61 -6.66 -27.29 -5.32
N VAL A 62 -5.42 -27.80 -5.15
CA VAL A 62 -5.23 -29.15 -4.63
C VAL A 62 -4.61 -29.05 -3.25
N GLU A 63 -5.18 -29.80 -2.28
CA GLU A 63 -4.77 -29.68 -0.89
C GLU A 63 -3.44 -30.39 -0.70
N VAL A 64 -2.58 -29.77 0.12
CA VAL A 64 -1.26 -30.29 0.39
C VAL A 64 -1.06 -30.24 1.91
N HIS A 65 -0.27 -31.18 2.44
CA HIS A 65 -0.32 -31.53 3.84
C HIS A 65 1.03 -31.37 4.54
N ASN A 66 1.97 -30.64 3.93
CA ASN A 66 3.33 -30.55 4.46
C ASN A 66 3.57 -29.22 5.19
N ALA A 67 2.54 -28.38 5.37
CA ALA A 67 2.74 -27.14 6.09
C ALA A 67 3.24 -27.44 7.49
N LYS A 68 4.07 -26.53 8.03
CA LYS A 68 4.55 -26.58 9.39
C LYS A 68 3.87 -25.45 10.19
N THR A 69 3.03 -25.82 11.16
CA THR A 69 2.20 -24.89 11.91
C THR A 69 2.76 -24.75 13.33
N LYS A 70 3.21 -23.55 13.67
CA LYS A 70 3.62 -23.25 15.02
C LYS A 70 2.39 -23.17 15.93
N PRO A 71 2.50 -23.52 17.23
CA PRO A 71 1.51 -23.08 18.22
C PRO A 71 1.51 -21.56 18.36
N ARG A 72 0.41 -21.02 18.87
CA ARG A 72 0.24 -19.59 18.99
C ARG A 72 1.26 -18.99 19.97
N GLU A 73 1.65 -17.73 19.69
CA GLU A 73 2.74 -17.04 20.35
C GLU A 73 2.21 -15.73 20.94
N GLU A 74 2.34 -15.60 22.27
CA GLU A 74 1.96 -14.39 22.97
C GLU A 74 2.93 -13.28 22.60
N GLN A 75 2.41 -12.06 22.51
CA GLN A 75 3.18 -10.92 22.05
C GLN A 75 3.24 -9.90 23.19
N TYR A 76 4.13 -8.91 23.07
CA TYR A 76 4.26 -7.86 24.07
C TYR A 76 2.94 -7.10 24.27
N ASN A 77 2.09 -7.05 23.25
CA ASN A 77 0.79 -6.36 23.31
C ASN A 77 -0.30 -7.31 23.82
N SER A 78 0.09 -8.51 24.28
CA SER A 78 -0.76 -9.49 24.94
C SER A 78 -1.79 -10.13 24.00
N THR A 79 -1.58 -10.04 22.68
CA THR A 79 -2.33 -10.79 21.70
C THR A 79 -1.52 -12.01 21.29
N TYR A 80 -2.10 -12.84 20.44
CA TYR A 80 -1.39 -13.99 19.89
C TYR A 80 -1.25 -13.80 18.39
N ARG A 81 -0.16 -14.36 17.89
CA ARG A 81 0.19 -14.44 16.48
C ARG A 81 0.25 -15.94 16.19
N VAL A 82 -0.38 -16.39 15.10
CA VAL A 82 -0.23 -17.77 14.69
C VAL A 82 0.31 -17.80 13.26
N VAL A 83 1.36 -18.62 13.05
CA VAL A 83 2.02 -18.71 11.75
C VAL A 83 1.99 -20.15 11.26
N SER A 84 1.83 -20.28 9.95
CA SER A 84 2.04 -21.54 9.27
C SER A 84 2.95 -21.29 8.06
N VAL A 85 3.83 -22.24 7.78
CA VAL A 85 4.88 -22.08 6.80
C VAL A 85 4.82 -23.28 5.88
N LEU A 86 4.55 -23.03 4.60
CA LEU A 86 4.51 -24.07 3.58
C LEU A 86 5.73 -23.90 2.67
N THR A 87 6.55 -24.95 2.56
CA THR A 87 7.67 -24.94 1.64
C THR A 87 7.16 -25.17 0.23
N VAL A 88 7.71 -24.45 -0.76
CA VAL A 88 7.24 -24.56 -2.12
C VAL A 88 8.38 -25.08 -2.99
N LEU A 89 8.03 -25.51 -4.21
CA LEU A 89 9.03 -25.94 -5.18
C LEU A 89 9.40 -24.76 -6.08
N HIS A 90 10.72 -24.56 -6.21
CA HIS A 90 11.29 -23.46 -6.98
C HIS A 90 10.49 -23.23 -8.27
N GLN A 91 10.36 -24.27 -9.10
CA GLN A 91 9.81 -24.12 -10.44
C GLN A 91 8.30 -23.90 -10.40
N ASP A 92 7.62 -24.44 -9.38
CA ASP A 92 6.20 -24.21 -9.25
C ASP A 92 5.97 -22.70 -9.08
N TRP A 93 6.75 -22.07 -8.19
CA TRP A 93 6.55 -20.65 -7.92
C TRP A 93 6.80 -19.83 -9.18
N LEU A 94 7.86 -20.17 -9.91
CA LEU A 94 8.29 -19.41 -11.07
C LEU A 94 7.38 -19.67 -12.26
N ASN A 95 6.70 -20.82 -12.30
CA ASN A 95 5.77 -21.14 -13.37
C ASN A 95 4.42 -20.48 -13.11
N GLY A 96 4.27 -19.87 -11.92
CA GLY A 96 3.14 -19.00 -11.65
C GLY A 96 1.95 -19.71 -11.01
N LYS A 97 2.21 -20.83 -10.28
CA LYS A 97 1.17 -21.52 -9.56
C LYS A 97 0.75 -20.72 -8.34
N GLU A 98 -0.52 -20.92 -7.92
CA GLU A 98 -1.19 -20.12 -6.90
C GLU A 98 -1.20 -20.87 -5.58
N TYR A 99 -0.74 -20.23 -4.50
CA TYR A 99 -0.79 -20.83 -3.18
C TYR A 99 -1.90 -20.16 -2.38
N LYS A 100 -2.73 -20.96 -1.71
CA LYS A 100 -3.93 -20.50 -1.03
C LYS A 100 -3.86 -20.94 0.43
N CYS A 101 -3.91 -19.96 1.32
CA CYS A 101 -4.07 -20.19 2.75
C CYS A 101 -5.57 -20.04 3.07
N LYS A 102 -6.13 -21.07 3.72
CA LYS A 102 -7.43 -21.00 4.34
C LYS A 102 -7.25 -20.99 5.84
N VAL A 103 -7.87 -20.00 6.47
CA VAL A 103 -7.78 -19.84 7.91
C VAL A 103 -9.16 -20.12 8.53
N SER A 104 -9.24 -21.17 9.35
CA SER A 104 -10.49 -21.58 9.95
C SER A 104 -10.43 -21.25 11.44
N ASN A 105 -11.58 -20.82 11.96
CA ASN A 105 -11.71 -20.41 13.34
C ASN A 105 -13.20 -20.30 13.60
N LYS A 106 -13.65 -20.71 14.78
CA LYS A 106 -15.06 -20.78 15.10
C LYS A 106 -15.65 -19.38 15.28
N ALA A 107 -14.77 -18.40 15.56
CA ALA A 107 -15.19 -17.04 15.81
C ALA A 107 -15.28 -16.23 14.51
N LEU A 108 -14.93 -16.85 13.37
CA LEU A 108 -15.14 -16.32 12.01
C LEU A 108 -16.42 -16.96 11.44
N PRO A 109 -17.28 -16.17 10.76
CA PRO A 109 -18.54 -16.72 10.24
C PRO A 109 -18.25 -17.82 9.22
N ALA A 110 -17.21 -17.60 8.42
CA ALA A 110 -16.67 -18.63 7.54
C ALA A 110 -15.17 -18.44 7.45
N PRO A 111 -14.42 -19.49 7.00
CA PRO A 111 -12.99 -19.40 6.78
C PRO A 111 -12.55 -18.26 5.87
N ILE A 112 -11.35 -17.73 6.12
CA ILE A 112 -10.78 -16.67 5.32
C ILE A 112 -9.76 -17.29 4.38
N GLU A 113 -9.82 -16.86 3.13
CA GLU A 113 -8.98 -17.31 2.05
C GLU A 113 -8.12 -16.14 1.56
N LYS A 114 -6.81 -16.38 1.45
CA LYS A 114 -5.92 -15.54 0.68
C LYS A 114 -5.21 -16.42 -0.33
N THR A 115 -4.91 -15.86 -1.51
CA THR A 115 -4.13 -16.57 -2.51
C THR A 115 -3.02 -15.64 -3.04
N ILE A 116 -1.83 -16.21 -3.20
CA ILE A 116 -0.68 -15.48 -3.72
C ILE A 116 -0.10 -16.29 -4.87
N SER A 117 0.34 -15.60 -5.91
CA SER A 117 1.18 -16.22 -6.93
C SER A 117 2.18 -15.17 -7.37
N LYS A 118 3.17 -15.57 -8.18
CA LYS A 118 4.18 -14.63 -8.64
C LYS A 118 3.54 -13.61 -9.57
N ALA A 119 3.98 -12.35 -9.47
CA ALA A 119 3.52 -11.33 -10.40
C ALA A 119 4.11 -11.66 -11.76
N LYS A 120 3.29 -11.59 -12.81
CA LYS A 120 3.80 -11.85 -14.15
C LYS A 120 4.17 -10.51 -14.78
N GLY A 121 4.98 -10.59 -15.82
CA GLY A 121 5.55 -9.41 -16.44
C GLY A 121 6.72 -9.87 -17.31
N GLN A 122 6.96 -9.16 -18.41
CA GLN A 122 7.85 -9.65 -19.46
C GLN A 122 9.27 -9.72 -18.87
N PRO A 123 9.86 -10.92 -18.68
CA PRO A 123 11.20 -11.01 -18.12
C PRO A 123 12.17 -10.32 -19.07
N ARG A 124 13.28 -9.82 -18.51
CA ARG A 124 14.42 -9.38 -19.30
C ARG A 124 15.70 -9.87 -18.63
N GLU A 125 16.62 -10.33 -19.47
CA GLU A 125 17.85 -10.97 -19.07
C GLU A 125 18.83 -9.92 -18.55
N PRO A 126 19.47 -10.15 -17.38
CA PRO A 126 20.50 -9.25 -16.89
C PRO A 126 21.68 -9.35 -17.83
N GLN A 127 22.34 -8.20 -18.06
CA GLN A 127 23.69 -8.18 -18.60
C GLN A 127 24.64 -8.00 -17.43
N VAL A 128 25.65 -8.88 -17.29
CA VAL A 128 26.55 -8.87 -16.17
C VAL A 128 27.96 -8.55 -16.64
N TYR A 129 28.55 -7.55 -15.99
CA TYR A 129 29.86 -7.03 -16.34
C TYR A 129 30.67 -6.84 -15.06
N THR A 130 31.90 -7.34 -15.03
CA THR A 130 32.78 -7.12 -13.89
C THR A 130 33.82 -6.08 -14.26
N LEU A 131 34.14 -5.18 -13.32
CA LEU A 131 34.94 -4.01 -13.60
C LEU A 131 36.04 -3.97 -12.55
N PRO A 132 37.33 -3.97 -12.94
CA PRO A 132 38.40 -4.06 -11.95
C PRO A 132 38.48 -2.79 -11.13
N PRO A 133 39.33 -2.74 -10.08
CA PRO A 133 39.58 -1.47 -9.40
C PRO A 133 40.19 -0.41 -10.29
N SER A 134 39.94 0.85 -9.96
CA SER A 134 40.65 1.98 -10.57
C SER A 134 42.14 1.88 -10.27
N ARG A 135 42.95 2.36 -11.22
CA ARG A 135 44.39 2.44 -10.99
C ARG A 135 44.64 3.36 -9.80
N GLU A 136 43.79 4.37 -9.64
N GLU A 136 43.79 4.40 -9.65
CA GLU A 136 43.94 5.36 -8.58
CA GLU A 136 43.88 5.37 -8.57
C GLU A 136 43.65 4.74 -7.20
C GLU A 136 43.66 4.73 -7.20
N GLU A 137 42.95 3.60 -7.15
CA GLU A 137 42.55 3.02 -5.87
C GLU A 137 43.68 2.16 -5.30
N MET A 138 44.75 2.00 -6.06
CA MET A 138 45.79 1.03 -5.73
C MET A 138 46.74 1.61 -4.67
N THR A 139 46.59 2.90 -4.36
CA THR A 139 47.35 3.51 -3.29
C THR A 139 46.72 3.19 -1.94
N LYS A 140 45.58 2.47 -1.93
CA LYS A 140 44.95 2.09 -0.66
C LYS A 140 45.28 0.63 -0.31
N ASN A 141 45.01 0.25 0.95
CA ASN A 141 45.26 -1.08 1.48
C ASN A 141 44.23 -2.09 0.94
N GLN A 142 42.97 -1.65 0.81
CA GLN A 142 41.90 -2.48 0.27
C GLN A 142 41.38 -1.85 -1.02
N VAL A 143 40.97 -2.70 -1.98
CA VAL A 143 40.54 -2.23 -3.29
C VAL A 143 39.13 -2.72 -3.56
N SER A 144 38.50 -2.17 -4.64
CA SER A 144 37.07 -2.40 -4.90
C SER A 144 36.87 -3.18 -6.19
N LEU A 145 36.32 -4.39 -6.10
CA LEU A 145 35.90 -5.17 -7.26
C LEU A 145 34.42 -4.91 -7.50
N THR A 146 34.04 -4.65 -8.76
CA THR A 146 32.70 -4.20 -9.08
C THR A 146 32.06 -5.20 -10.07
N CYS A 147 30.78 -5.46 -9.82
CA CYS A 147 29.93 -6.21 -10.72
C CYS A 147 28.73 -5.33 -11.04
N LEU A 148 28.56 -4.99 -12.32
CA LEU A 148 27.41 -4.22 -12.77
C LEU A 148 26.41 -5.20 -13.38
N VAL A 149 25.19 -5.17 -12.85
CA VAL A 149 24.12 -5.95 -13.43
C VAL A 149 23.09 -4.96 -13.96
N LYS A 150 22.79 -5.00 -15.27
CA LYS A 150 21.81 -4.08 -15.86
C LYS A 150 20.87 -4.81 -16.81
N GLY A 151 19.80 -4.12 -17.20
CA GLY A 151 18.93 -4.58 -18.28
C GLY A 151 17.86 -5.56 -17.83
N PHE A 152 17.65 -5.72 -16.52
CA PHE A 152 16.93 -6.89 -16.00
C PHE A 152 15.54 -6.52 -15.47
N TYR A 153 14.63 -7.48 -15.59
CA TYR A 153 13.27 -7.33 -15.07
C TYR A 153 12.70 -8.72 -14.81
N PRO A 154 11.93 -8.96 -13.72
CA PRO A 154 11.70 -7.99 -12.63
C PRO A 154 12.92 -7.73 -11.73
N SER A 155 12.72 -6.95 -10.68
CA SER A 155 13.84 -6.41 -9.89
C SER A 155 14.40 -7.41 -8.90
N ASP A 156 13.75 -8.58 -8.76
CA ASP A 156 14.17 -9.59 -7.81
C ASP A 156 15.39 -10.30 -8.37
N ILE A 157 16.49 -10.20 -7.61
CA ILE A 157 17.76 -10.72 -8.08
C ILE A 157 18.62 -11.06 -6.86
N ALA A 158 19.60 -11.94 -7.07
CA ALA A 158 20.61 -12.20 -6.06
C ALA A 158 22.00 -12.14 -6.69
N VAL A 159 22.95 -11.53 -5.98
CA VAL A 159 24.33 -11.44 -6.44
C VAL A 159 25.20 -11.98 -5.31
N GLU A 160 26.19 -12.82 -5.66
CA GLU A 160 27.16 -13.32 -4.68
C GLU A 160 28.55 -13.26 -5.26
N TRP A 161 29.57 -13.40 -4.41
CA TRP A 161 30.95 -13.42 -4.86
C TRP A 161 31.67 -14.69 -4.41
N ALA A 162 32.64 -15.10 -5.24
CA ALA A 162 33.45 -16.27 -4.94
C ALA A 162 34.86 -16.04 -5.48
N SER A 163 35.80 -16.80 -4.90
CA SER A 163 37.18 -16.73 -5.35
C SER A 163 37.82 -18.11 -5.24
N ASN A 164 38.38 -18.59 -6.35
CA ASN A 164 39.00 -19.91 -6.37
C ASN A 164 38.09 -20.90 -5.66
N GLY A 165 36.79 -20.82 -5.91
CA GLY A 165 35.81 -21.74 -5.34
C GLY A 165 35.44 -21.46 -3.89
N GLN A 166 36.03 -20.45 -3.26
CA GLN A 166 35.73 -20.10 -1.88
C GLN A 166 34.79 -18.90 -1.83
N PRO A 167 33.74 -18.89 -0.97
CA PRO A 167 32.83 -17.75 -0.88
C PRO A 167 33.49 -16.48 -0.34
N GLU A 168 33.16 -15.34 -0.95
CA GLU A 168 33.71 -14.05 -0.56
C GLU A 168 32.57 -13.23 0.00
N ASN A 169 32.69 -12.75 1.26
CA ASN A 169 31.52 -12.21 1.94
C ASN A 169 31.71 -10.74 2.30
N ASN A 170 32.86 -10.13 1.99
CA ASN A 170 33.06 -8.73 2.32
C ASN A 170 32.50 -7.82 1.22
N TYR A 171 31.25 -8.06 0.81
CA TYR A 171 30.64 -7.22 -0.21
C TYR A 171 29.37 -6.56 0.29
N LYS A 172 28.95 -5.53 -0.44
CA LYS A 172 27.65 -4.89 -0.28
C LYS A 172 27.13 -4.64 -1.70
N THR A 173 25.82 -4.86 -1.90
CA THR A 173 25.15 -4.68 -3.18
C THR A 173 24.15 -3.54 -3.06
N THR A 174 24.07 -2.65 -4.06
CA THR A 174 23.14 -1.55 -4.04
C THR A 174 21.73 -2.10 -4.25
N PRO A 175 20.67 -1.39 -3.80
CA PRO A 175 19.31 -1.68 -4.24
C PRO A 175 19.19 -1.52 -5.75
N PRO A 176 18.22 -2.21 -6.40
CA PRO A 176 17.94 -1.96 -7.81
C PRO A 176 17.49 -0.52 -8.00
N VAL A 177 17.92 0.05 -9.13
CA VAL A 177 17.52 1.38 -9.55
C VAL A 177 16.84 1.23 -10.91
N LEU A 178 15.69 1.90 -11.07
CA LEU A 178 14.91 1.91 -12.30
C LEU A 178 15.65 2.74 -13.35
N ASP A 179 15.93 2.10 -14.48
CA ASP A 179 16.71 2.70 -15.55
C ASP A 179 15.74 3.36 -16.53
N SER A 180 16.30 4.11 -17.47
CA SER A 180 15.47 4.98 -18.31
C SER A 180 14.58 4.14 -19.22
N ASP A 181 14.99 2.90 -19.51
CA ASP A 181 14.22 2.10 -20.45
C ASP A 181 13.21 1.21 -19.72
N GLY A 182 13.03 1.42 -18.41
CA GLY A 182 12.05 0.65 -17.64
C GLY A 182 12.61 -0.66 -17.05
N SER A 183 13.85 -1.04 -17.41
CA SER A 183 14.57 -2.15 -16.79
C SER A 183 15.26 -1.69 -15.51
N PHE A 184 15.98 -2.59 -14.85
CA PHE A 184 16.66 -2.27 -13.59
C PHE A 184 18.17 -2.42 -13.71
N PHE A 185 18.92 -1.77 -12.83
CA PHE A 185 20.36 -1.97 -12.75
C PHE A 185 20.77 -1.95 -11.29
N LEU A 186 21.89 -2.62 -10.98
CA LEU A 186 22.50 -2.45 -9.67
C LEU A 186 24.02 -2.61 -9.76
N TYR A 187 24.75 -2.18 -8.73
CA TYR A 187 26.17 -2.52 -8.63
C TYR A 187 26.42 -3.29 -7.34
N SER A 188 27.33 -4.27 -7.41
CA SER A 188 27.82 -4.92 -6.20
C SER A 188 29.30 -4.60 -6.04
N LYS A 189 29.75 -4.37 -4.80
CA LYS A 189 31.12 -4.03 -4.48
C LYS A 189 31.72 -5.06 -3.52
N LEU A 190 32.74 -5.79 -3.98
CA LEU A 190 33.54 -6.61 -3.10
C LEU A 190 34.82 -5.87 -2.74
N THR A 191 35.11 -5.76 -1.44
CA THR A 191 36.30 -5.12 -0.91
C THR A 191 37.30 -6.21 -0.50
N VAL A 192 38.50 -6.13 -1.08
CA VAL A 192 39.52 -7.13 -0.82
C VAL A 192 40.82 -6.40 -0.54
N ASP A 193 41.71 -7.07 0.18
CA ASP A 193 43.03 -6.50 0.41
C ASP A 193 43.71 -6.44 -0.94
N LYS A 194 44.32 -5.32 -1.23
CA LYS A 194 45.04 -5.14 -2.47
C LYS A 194 45.94 -6.34 -2.76
N SER A 195 46.55 -6.91 -1.72
CA SER A 195 47.56 -7.93 -1.90
C SER A 195 46.97 -9.16 -2.57
N ARG A 196 45.78 -9.55 -2.13
CA ARG A 196 45.10 -10.73 -2.64
C ARG A 196 44.71 -10.52 -4.10
N TRP A 197 44.38 -9.30 -4.51
CA TRP A 197 43.98 -9.03 -5.90
C TRP A 197 45.20 -9.13 -6.82
N GLN A 198 46.32 -8.56 -6.34
CA GLN A 198 47.55 -8.54 -7.10
C GLN A 198 48.20 -9.92 -7.22
N GLN A 199 47.77 -10.88 -6.40
CA GLN A 199 48.23 -12.24 -6.51
C GLN A 199 47.72 -12.91 -7.80
N GLY A 200 46.81 -12.25 -8.50
CA GLY A 200 46.26 -12.80 -9.74
C GLY A 200 45.12 -13.79 -9.48
N ASN A 201 44.63 -13.81 -8.23
CA ASN A 201 43.47 -14.57 -7.82
C ASN A 201 42.27 -14.19 -8.70
N VAL A 202 41.48 -15.21 -9.08
CA VAL A 202 40.36 -15.07 -9.99
C VAL A 202 39.08 -14.97 -9.15
N PHE A 203 38.45 -13.79 -9.12
CA PHE A 203 37.22 -13.60 -8.39
C PHE A 203 36.05 -13.72 -9.36
N SER A 204 34.87 -14.05 -8.84
CA SER A 204 33.69 -14.35 -9.65
C SER A 204 32.46 -13.70 -9.03
N CYS A 205 31.70 -13.02 -9.88
CA CYS A 205 30.39 -12.49 -9.57
C CYS A 205 29.32 -13.42 -10.13
N SER A 206 28.48 -13.95 -9.23
CA SER A 206 27.38 -14.83 -9.56
C SER A 206 26.07 -14.07 -9.45
N VAL A 207 25.23 -14.21 -10.48
CA VAL A 207 23.95 -13.55 -10.48
C VAL A 207 22.86 -14.57 -10.73
N MET A 208 21.85 -14.54 -9.86
CA MET A 208 20.70 -15.44 -9.96
C MET A 208 19.47 -14.61 -10.31
N HIS A 209 18.78 -15.01 -11.37
CA HIS A 209 17.63 -14.27 -11.86
C HIS A 209 16.84 -15.11 -12.87
N GLU A 210 15.56 -14.81 -12.90
CA GLU A 210 14.54 -15.56 -13.60
C GLU A 210 14.86 -15.67 -15.08
N ALA A 211 15.42 -14.60 -15.66
CA ALA A 211 15.50 -14.47 -17.10
C ALA A 211 16.84 -14.97 -17.66
N LEU A 212 17.66 -15.62 -16.80
CA LEU A 212 18.87 -16.28 -17.26
C LEU A 212 18.59 -17.77 -17.44
N HIS A 213 19.26 -18.40 -18.42
CA HIS A 213 19.27 -19.85 -18.57
C HIS A 213 19.77 -20.47 -17.27
N ASN A 214 19.08 -21.51 -16.79
CA ASN A 214 19.44 -22.20 -15.55
C ASN A 214 19.28 -21.27 -14.34
N HIS A 215 18.68 -20.09 -14.56
CA HIS A 215 18.52 -19.06 -13.53
C HIS A 215 19.83 -18.58 -12.91
N TYR A 216 20.94 -18.63 -13.66
CA TYR A 216 22.24 -18.42 -13.03
C TYR A 216 23.27 -18.06 -14.10
N THR A 217 24.17 -17.13 -13.74
CA THR A 217 25.36 -16.88 -14.52
C THR A 217 26.46 -16.44 -13.57
N GLN A 218 27.70 -16.52 -14.06
CA GLN A 218 28.90 -16.20 -13.30
C GLN A 218 29.85 -15.47 -14.26
N LYS A 219 30.37 -14.31 -13.85
CA LYS A 219 31.40 -13.63 -14.63
C LYS A 219 32.63 -13.46 -13.76
N SER A 220 33.79 -13.62 -14.40
CA SER A 220 35.08 -13.65 -13.73
C SER A 220 35.74 -12.27 -13.78
N LEU A 221 36.60 -12.01 -12.79
CA LEU A 221 37.34 -10.77 -12.71
C LEU A 221 38.70 -11.10 -12.10
N SER A 222 39.76 -10.72 -12.80
CA SER A 222 41.11 -11.04 -12.36
C SER A 222 42.07 -10.03 -12.96
N LEU A 223 43.18 -9.84 -12.25
CA LEU A 223 44.18 -8.83 -12.55
C LEU A 223 44.71 -9.02 -13.97
N SER A 224 45.15 -10.24 -14.28
CA SER A 224 45.73 -10.58 -15.57
C SER A 224 44.93 -11.72 -16.23
N PRO A 225 44.38 -11.49 -17.45
CA PRO A 225 43.59 -12.50 -18.16
C PRO A 225 44.16 -13.92 -18.13
N PRO B 10 -21.72 11.92 23.39
CA PRO B 10 -20.26 11.99 23.21
C PRO B 10 -19.79 11.67 21.79
N ALA B 11 -18.89 12.53 21.27
CA ALA B 11 -18.22 12.27 20.02
C ALA B 11 -17.29 11.08 20.21
N PRO B 12 -17.12 10.20 19.18
CA PRO B 12 -15.94 9.36 19.09
C PRO B 12 -14.66 10.19 18.94
N GLU B 13 -13.54 9.63 19.38
CA GLU B 13 -12.27 10.33 19.37
C GLU B 13 -11.63 10.23 17.98
N LEU B 14 -10.86 11.25 17.60
CA LEU B 14 -10.27 11.27 16.26
C LEU B 14 -9.21 10.20 16.13
N LEU B 15 -9.20 9.51 14.99
CA LEU B 15 -8.33 8.38 14.70
C LEU B 15 -7.06 8.82 13.97
N GLY B 16 -6.84 10.12 13.92
CA GLY B 16 -5.61 10.67 13.35
C GLY B 16 -5.79 12.17 13.14
N GLY B 17 -4.87 12.77 12.40
CA GLY B 17 -4.93 14.19 12.13
C GLY B 17 -3.72 14.62 11.34
N PRO B 18 -3.53 15.94 11.18
CA PRO B 18 -2.36 16.50 10.48
C PRO B 18 -1.03 15.89 10.90
N SER B 19 -0.20 15.53 9.91
CA SER B 19 1.16 15.06 10.13
C SER B 19 2.10 16.09 9.52
N VAL B 20 3.26 16.27 10.16
CA VAL B 20 4.27 17.18 9.66
C VAL B 20 5.51 16.39 9.24
N PHE B 21 6.02 16.70 8.04
CA PHE B 21 7.28 16.15 7.57
C PHE B 21 8.21 17.29 7.18
N LEU B 22 9.44 17.18 7.67
CA LEU B 22 10.41 18.26 7.66
C LEU B 22 11.68 17.77 6.96
N PHE B 23 12.11 18.50 5.91
CA PHE B 23 13.03 17.95 4.92
C PHE B 23 14.26 18.84 4.80
N PRO B 24 15.48 18.24 4.71
CA PRO B 24 16.70 19.03 4.66
C PRO B 24 16.91 19.75 3.33
N PRO B 25 17.96 20.59 3.20
CA PRO B 25 18.28 21.18 1.90
C PRO B 25 18.86 20.13 0.95
N LYS B 26 18.92 20.49 -0.33
CA LYS B 26 19.64 19.70 -1.29
C LYS B 26 21.12 19.83 -0.96
N PRO B 27 21.86 18.71 -0.92
CA PRO B 27 23.31 18.70 -0.70
C PRO B 27 24.08 19.78 -1.46
N LYS B 28 23.77 19.89 -2.75
CA LYS B 28 24.49 20.77 -3.65
C LYS B 28 24.23 22.22 -3.30
N ASP B 29 23.01 22.50 -2.80
CA ASP B 29 22.58 23.85 -2.53
C ASP B 29 23.36 24.40 -1.34
N THR B 30 23.68 23.52 -0.39
CA THR B 30 24.35 23.90 0.84
C THR B 30 25.83 24.13 0.59
N LEU B 31 26.35 23.57 -0.52
CA LEU B 31 27.78 23.55 -0.80
C LEU B 31 28.17 24.60 -1.84
N MET B 32 27.21 25.29 -2.45
CA MET B 32 27.53 26.31 -3.45
C MET B 32 26.90 27.64 -3.05
N ILE B 33 27.76 28.64 -2.78
CA ILE B 33 27.27 29.93 -2.27
C ILE B 33 26.46 30.65 -3.35
N SER B 34 26.53 30.21 -4.61
CA SER B 34 25.64 30.71 -5.66
C SER B 34 24.20 30.27 -5.42
N ARG B 35 24.00 29.09 -4.82
CA ARG B 35 22.66 28.55 -4.64
C ARG B 35 22.16 28.92 -3.24
N THR B 36 20.84 28.83 -3.04
CA THR B 36 20.23 29.10 -1.74
C THR B 36 19.64 27.80 -1.21
N PRO B 37 20.16 27.28 -0.07
CA PRO B 37 19.59 26.07 0.53
C PRO B 37 18.35 26.43 1.34
N GLU B 38 17.36 25.52 1.30
CA GLU B 38 16.08 25.75 1.97
C GLU B 38 15.66 24.51 2.73
N VAL B 39 15.14 24.72 3.93
CA VAL B 39 14.51 23.68 4.72
C VAL B 39 13.01 23.78 4.49
N THR B 40 12.34 22.64 4.28
CA THR B 40 10.95 22.65 3.86
C THR B 40 10.10 21.87 4.85
N CYS B 41 9.04 22.54 5.32
CA CYS B 41 8.14 21.99 6.32
C CYS B 41 6.82 21.71 5.61
N VAL B 42 6.35 20.46 5.68
CA VAL B 42 5.20 20.00 4.90
C VAL B 42 4.17 19.37 5.84
N VAL B 43 2.92 19.78 5.68
CA VAL B 43 1.83 19.31 6.52
C VAL B 43 0.82 18.62 5.62
N VAL B 44 0.53 17.35 5.91
CA VAL B 44 -0.43 16.59 5.14
C VAL B 44 -1.59 16.23 6.07
N ASP B 45 -2.67 15.77 5.47
CA ASP B 45 -3.91 15.45 6.17
C ASP B 45 -4.46 16.68 6.87
N VAL B 46 -4.32 17.83 6.19
CA VAL B 46 -4.95 19.04 6.64
C VAL B 46 -6.39 19.02 6.10
N SER B 47 -7.36 19.17 7.01
CA SER B 47 -8.78 19.02 6.73
C SER B 47 -9.29 20.30 6.08
N HIS B 48 -10.38 20.22 5.31
CA HIS B 48 -11.00 21.40 4.74
C HIS B 48 -11.83 22.15 5.77
N GLU B 49 -12.16 21.49 6.89
CA GLU B 49 -12.79 22.12 8.04
C GLU B 49 -11.82 23.00 8.80
N ASP B 50 -10.53 22.64 8.73
CA ASP B 50 -9.54 23.29 9.57
C ASP B 50 -8.30 23.46 8.72
N PRO B 51 -8.37 24.19 7.57
CA PRO B 51 -7.28 24.20 6.62
C PRO B 51 -6.13 25.16 6.89
N GLU B 52 -6.32 26.15 7.77
CA GLU B 52 -5.26 27.12 8.03
C GLU B 52 -4.15 26.48 8.85
N VAL B 53 -2.90 26.70 8.39
CA VAL B 53 -1.74 26.30 9.16
C VAL B 53 -0.95 27.56 9.48
N LYS B 54 -0.63 27.75 10.76
CA LYS B 54 0.32 28.78 11.13
C LYS B 54 1.67 28.14 11.39
N PHE B 55 2.72 28.76 10.82
CA PHE B 55 4.07 28.25 10.83
C PHE B 55 4.97 29.21 11.60
N ASN B 56 5.82 28.66 12.45
CA ASN B 56 6.82 29.42 13.20
C ASN B 56 8.14 28.67 13.10
N TRP B 57 9.22 29.38 12.79
CA TRP B 57 10.51 28.77 12.57
C TRP B 57 11.52 29.22 13.64
N TYR B 58 12.43 28.31 14.03
CA TYR B 58 13.40 28.56 15.08
C TYR B 58 14.75 28.00 14.63
N VAL B 59 15.84 28.70 14.97
CA VAL B 59 17.19 28.25 14.69
C VAL B 59 18.00 28.26 15.98
N ASP B 60 18.32 27.08 16.49
CA ASP B 60 18.94 26.93 17.80
C ASP B 60 18.08 27.63 18.85
N GLY B 61 16.75 27.53 18.66
CA GLY B 61 15.77 28.05 19.59
C GLY B 61 15.43 29.53 19.41
N VAL B 62 15.99 30.20 18.40
CA VAL B 62 15.75 31.62 18.18
C VAL B 62 14.90 31.83 16.93
N GLU B 63 13.88 32.69 17.03
CA GLU B 63 12.84 32.74 16.02
C GLU B 63 13.36 33.54 14.82
N VAL B 64 12.95 33.11 13.63
CA VAL B 64 13.35 33.73 12.38
C VAL B 64 12.09 33.90 11.54
N HIS B 65 12.08 34.93 10.70
CA HIS B 65 10.85 35.46 10.13
C HIS B 65 10.91 35.56 8.62
N ASN B 66 11.78 34.77 7.96
CA ASN B 66 11.96 34.89 6.52
C ASN B 66 11.29 33.74 5.77
N ALA B 67 10.45 32.94 6.42
CA ALA B 67 9.86 31.81 5.72
C ALA B 67 9.02 32.31 4.56
N LYS B 68 8.95 31.52 3.48
CA LYS B 68 7.97 31.74 2.43
C LYS B 68 6.81 30.76 2.56
N THR B 69 5.62 31.28 2.27
CA THR B 69 4.36 30.60 2.51
C THR B 69 3.78 30.12 1.20
N LYS B 70 3.79 28.79 0.96
CA LYS B 70 3.31 28.31 -0.33
C LYS B 70 1.78 28.31 -0.30
N PRO B 71 1.07 28.52 -1.41
CA PRO B 71 -0.38 28.30 -1.45
C PRO B 71 -0.73 26.82 -1.28
N ARG B 72 -1.82 26.55 -0.57
CA ARG B 72 -2.23 25.19 -0.27
C ARG B 72 -2.49 24.38 -1.53
N GLU B 73 -2.23 23.06 -1.45
CA GLU B 73 -2.41 22.15 -2.59
C GLU B 73 -3.48 21.09 -2.24
N GLU B 74 -4.59 21.17 -2.97
CA GLU B 74 -5.73 20.28 -2.79
C GLU B 74 -5.32 18.92 -3.34
N GLN B 75 -5.76 17.85 -2.66
CA GLN B 75 -5.34 16.52 -3.02
C GLN B 75 -6.58 15.72 -3.41
N TYR B 76 -6.37 14.63 -4.15
CA TYR B 76 -7.50 13.82 -4.62
C TYR B 76 -8.28 13.22 -3.44
N ASN B 77 -7.64 13.06 -2.27
CA ASN B 77 -8.24 12.46 -1.09
C ASN B 77 -8.93 13.50 -0.22
N SER B 78 -9.14 14.73 -0.77
CA SER B 78 -9.89 15.79 -0.09
C SER B 78 -9.20 16.20 1.22
N THR B 79 -7.87 16.28 1.18
CA THR B 79 -7.08 16.98 2.20
C THR B 79 -6.20 18.02 1.53
N TYR B 80 -5.50 18.79 2.36
CA TYR B 80 -4.52 19.73 1.85
C TYR B 80 -3.12 19.28 2.20
N ARG B 81 -2.19 19.60 1.31
CA ARG B 81 -0.77 19.62 1.56
C ARG B 81 -0.37 21.09 1.69
N VAL B 82 0.14 21.48 2.86
CA VAL B 82 0.43 22.87 3.18
C VAL B 82 1.92 22.98 3.51
N VAL B 83 2.62 23.91 2.86
CA VAL B 83 4.07 23.96 2.88
C VAL B 83 4.56 25.33 3.33
N SER B 84 5.69 25.32 4.04
CA SER B 84 6.45 26.51 4.36
C SER B 84 7.92 26.23 4.06
N VAL B 85 8.62 27.21 3.51
CA VAL B 85 9.96 27.00 3.00
C VAL B 85 10.84 28.07 3.60
N LEU B 86 11.80 27.69 4.44
CA LEU B 86 12.75 28.62 5.05
C LEU B 86 14.12 28.48 4.38
N THR B 87 14.63 29.57 3.82
CA THR B 87 15.99 29.58 3.31
C THR B 87 16.94 29.70 4.48
N VAL B 88 18.06 28.96 4.45
CA VAL B 88 18.99 28.92 5.56
C VAL B 88 20.34 29.43 5.08
N LEU B 89 21.27 29.62 6.02
CA LEU B 89 22.64 29.98 5.67
C LEU B 89 23.48 28.71 5.54
N HIS B 90 24.19 28.62 4.42
CA HIS B 90 25.11 27.54 4.10
C HIS B 90 25.86 27.03 5.33
N GLN B 91 26.59 27.91 6.01
CA GLN B 91 27.51 27.49 7.06
C GLN B 91 26.74 27.21 8.35
N ASP B 92 25.58 27.83 8.56
CA ASP B 92 24.77 27.41 9.71
C ASP B 92 24.44 25.93 9.58
N TRP B 93 23.98 25.50 8.40
CA TRP B 93 23.55 24.12 8.23
C TRP B 93 24.72 23.17 8.47
N LEU B 94 25.88 23.52 7.93
CA LEU B 94 27.06 22.66 7.99
C LEU B 94 27.67 22.68 9.39
N ASN B 95 27.48 23.78 10.14
CA ASN B 95 28.03 23.85 11.50
C ASN B 95 27.09 23.14 12.48
N GLY B 96 25.98 22.63 11.98
CA GLY B 96 25.18 21.65 12.70
C GLY B 96 24.03 22.28 13.49
N LYS B 97 23.54 23.46 13.07
CA LYS B 97 22.44 24.12 13.75
C LYS B 97 21.13 23.40 13.46
N GLU B 98 20.19 23.56 14.41
CA GLU B 98 18.93 22.85 14.44
C GLU B 98 17.79 23.73 13.94
N TYR B 99 17.03 23.26 12.94
CA TYR B 99 15.89 24.01 12.44
C TYR B 99 14.61 23.36 12.95
N LYS B 100 13.73 24.17 13.53
CA LYS B 100 12.50 23.71 14.17
C LYS B 100 11.32 24.36 13.46
N CYS B 101 10.44 23.51 12.89
CA CYS B 101 9.17 23.97 12.38
C CYS B 101 8.12 23.74 13.47
N LYS B 102 7.37 24.79 13.81
CA LYS B 102 6.24 24.67 14.71
C LYS B 102 4.96 24.95 13.95
N VAL B 103 4.05 23.98 13.99
CA VAL B 103 2.86 24.01 13.15
C VAL B 103 1.62 24.10 14.03
N SER B 104 0.85 25.18 13.88
CA SER B 104 -0.42 25.31 14.58
C SER B 104 -1.57 25.17 13.59
N ASN B 105 -2.57 24.37 13.99
CA ASN B 105 -3.77 24.09 13.20
C ASN B 105 -4.92 23.87 14.20
N LYS B 106 -6.14 24.22 13.82
CA LYS B 106 -7.20 24.28 14.82
C LYS B 106 -7.77 22.89 15.07
N ALA B 107 -7.36 21.89 14.29
CA ALA B 107 -7.78 20.53 14.56
C ALA B 107 -7.01 19.95 15.76
N LEU B 108 -5.83 20.51 16.05
CA LEU B 108 -5.01 20.03 17.15
C LEU B 108 -5.05 21.02 18.31
N PRO B 109 -5.19 20.56 19.57
CA PRO B 109 -5.19 21.48 20.71
C PRO B 109 -3.84 22.17 20.91
N ALA B 110 -2.76 21.58 20.39
CA ALA B 110 -1.43 22.18 20.54
C ALA B 110 -0.64 22.10 19.24
N PRO B 111 0.40 22.94 19.10
CA PRO B 111 1.32 22.83 17.96
C PRO B 111 2.02 21.48 17.86
N ILE B 112 2.38 21.09 16.62
CA ILE B 112 3.38 20.05 16.40
C ILE B 112 4.71 20.72 16.11
N GLU B 113 5.76 20.22 16.77
CA GLU B 113 7.13 20.67 16.58
C GLU B 113 7.95 19.53 15.99
N LYS B 114 8.64 19.81 14.88
CA LYS B 114 9.65 18.92 14.36
C LYS B 114 10.96 19.69 14.31
N THR B 115 12.08 18.98 14.54
CA THR B 115 13.40 19.54 14.36
C THR B 115 14.26 18.68 13.44
N ILE B 116 15.06 19.37 12.60
CA ILE B 116 15.96 18.77 11.64
C ILE B 116 17.33 19.38 11.92
N SER B 117 18.39 18.57 11.80
CA SER B 117 19.71 19.17 11.66
C SER B 117 20.54 18.26 10.79
N LYS B 118 21.77 18.66 10.49
CA LYS B 118 22.62 17.82 9.65
C LYS B 118 23.01 16.58 10.46
N ALA B 119 23.29 15.47 9.78
CA ALA B 119 23.66 14.26 10.49
C ALA B 119 24.93 14.54 11.29
N LYS B 120 25.03 13.96 12.48
CA LYS B 120 26.23 14.16 13.29
C LYS B 120 27.15 12.98 13.02
N GLY B 121 28.43 13.19 13.32
CA GLY B 121 29.49 12.27 12.96
C GLY B 121 30.68 13.01 12.36
N GLN B 122 31.87 12.45 12.58
CA GLN B 122 33.10 12.96 12.00
C GLN B 122 32.99 12.91 10.48
N PRO B 123 32.92 14.05 9.77
CA PRO B 123 32.81 14.03 8.32
C PRO B 123 34.03 13.31 7.73
N ARG B 124 33.84 12.71 6.54
CA ARG B 124 34.87 11.92 5.89
C ARG B 124 34.83 12.16 4.39
N GLU B 125 36.02 12.23 3.80
CA GLU B 125 36.23 12.65 2.43
C GLU B 125 35.84 11.52 1.49
N PRO B 126 35.05 11.81 0.44
CA PRO B 126 34.73 10.80 -0.57
C PRO B 126 36.00 10.46 -1.33
N GLN B 127 36.16 9.18 -1.67
CA GLN B 127 37.14 8.75 -2.65
C GLN B 127 36.38 8.52 -3.94
N VAL B 128 36.83 9.15 -5.05
CA VAL B 128 36.13 9.06 -6.31
C VAL B 128 36.99 8.32 -7.34
N TYR B 129 36.40 7.31 -8.00
CA TYR B 129 37.09 6.44 -8.94
C TYR B 129 36.20 6.18 -10.13
N THR B 130 36.75 6.35 -11.33
CA THR B 130 36.00 6.22 -12.57
C THR B 130 36.41 4.92 -13.22
N LEU B 131 35.43 4.14 -13.71
CA LEU B 131 35.68 2.77 -14.16
C LEU B 131 35.16 2.62 -15.57
N PRO B 132 36.02 2.26 -16.57
CA PRO B 132 35.56 2.24 -17.95
C PRO B 132 34.59 1.09 -18.19
N PRO B 133 33.90 1.09 -19.36
CA PRO B 133 33.09 -0.06 -19.76
C PRO B 133 33.87 -1.36 -19.84
N SER B 134 33.16 -2.46 -19.55
CA SER B 134 33.72 -3.79 -19.74
C SER B 134 34.02 -4.01 -21.22
N ARG B 135 35.05 -4.81 -21.51
CA ARG B 135 35.36 -5.20 -22.87
C ARG B 135 34.16 -5.95 -23.44
N GLU B 136 33.45 -6.70 -22.57
CA GLU B 136 32.29 -7.49 -22.96
C GLU B 136 31.12 -6.61 -23.38
N GLU B 137 31.06 -5.36 -22.93
CA GLU B 137 29.87 -4.53 -23.12
C GLU B 137 29.97 -3.82 -24.47
N MET B 138 31.12 -3.97 -25.14
CA MET B 138 31.45 -3.22 -26.33
C MET B 138 30.75 -3.81 -27.55
N THR B 139 30.11 -4.97 -27.36
CA THR B 139 29.26 -5.59 -28.38
C THR B 139 27.93 -4.87 -28.49
N LYS B 140 27.65 -3.89 -27.59
CA LYS B 140 26.37 -3.20 -27.62
C LYS B 140 26.54 -1.82 -28.27
N ASN B 141 25.40 -1.19 -28.64
CA ASN B 141 25.34 0.11 -29.27
C ASN B 141 25.62 1.23 -28.25
N GLN B 142 25.23 1.03 -27.00
CA GLN B 142 25.48 1.99 -25.92
C GLN B 142 26.29 1.29 -24.85
N VAL B 143 27.17 2.03 -24.17
CA VAL B 143 28.08 1.48 -23.17
C VAL B 143 27.93 2.25 -21.86
N SER B 144 28.57 1.75 -20.77
CA SER B 144 28.34 2.23 -19.41
C SER B 144 29.63 2.78 -18.82
N LEU B 145 29.61 4.07 -18.47
CA LEU B 145 30.69 4.70 -17.71
C LEU B 145 30.30 4.74 -16.25
N THR B 146 31.21 4.33 -15.37
CA THR B 146 30.91 4.17 -13.96
C THR B 146 31.79 5.10 -13.12
N CYS B 147 31.16 5.70 -12.12
CA CYS B 147 31.83 6.47 -11.08
C CYS B 147 31.48 5.83 -9.75
N LEU B 148 32.49 5.30 -9.04
CA LEU B 148 32.33 4.83 -7.67
C LEU B 148 32.74 5.93 -6.71
N VAL B 149 31.85 6.32 -5.80
CA VAL B 149 32.19 7.24 -4.74
C VAL B 149 32.01 6.50 -3.42
N LYS B 150 33.10 6.35 -2.64
CA LYS B 150 33.05 5.65 -1.37
C LYS B 150 33.79 6.41 -0.27
N GLY B 151 33.59 5.94 0.97
CA GLY B 151 34.37 6.35 2.12
C GLY B 151 33.85 7.65 2.77
N PHE B 152 32.65 8.09 2.39
CA PHE B 152 32.19 9.44 2.69
C PHE B 152 31.14 9.45 3.79
N TYR B 153 31.13 10.54 4.56
CA TYR B 153 30.17 10.77 5.62
C TYR B 153 30.01 12.27 5.82
N PRO B 154 28.80 12.82 6.13
CA PRO B 154 27.53 12.11 6.02
C PRO B 154 27.09 11.78 4.59
N SER B 155 25.87 11.27 4.45
CA SER B 155 25.42 10.70 3.20
C SER B 155 24.98 11.77 2.20
N ASP B 156 24.96 13.04 2.62
CA ASP B 156 24.52 14.12 1.75
C ASP B 156 25.62 14.41 0.74
N ILE B 157 25.29 14.22 -0.54
CA ILE B 157 26.29 14.30 -1.60
C ILE B 157 25.56 14.60 -2.91
N ALA B 158 26.29 15.21 -3.85
CA ALA B 158 25.78 15.38 -5.19
C ALA B 158 26.81 14.88 -6.22
N VAL B 159 26.34 14.16 -7.23
CA VAL B 159 27.18 13.58 -8.27
C VAL B 159 26.60 13.99 -9.61
N GLU B 160 27.43 14.47 -10.55
CA GLU B 160 26.97 14.86 -11.89
C GLU B 160 27.95 14.35 -12.94
N TRP B 161 27.60 14.43 -14.22
CA TRP B 161 28.51 14.09 -15.31
C TRP B 161 28.63 15.24 -16.30
N ALA B 162 29.80 15.38 -16.93
CA ALA B 162 29.99 16.36 -17.99
C ALA B 162 30.95 15.81 -19.05
N SER B 163 30.96 16.47 -20.21
CA SER B 163 32.02 16.24 -21.18
C SER B 163 32.29 17.51 -21.97
N ASN B 164 33.58 17.85 -22.12
CA ASN B 164 34.05 18.85 -23.06
C ASN B 164 33.35 20.18 -22.87
N GLY B 165 32.94 20.45 -21.62
CA GLY B 165 32.29 21.71 -21.30
C GLY B 165 30.78 21.59 -21.28
N GLN B 166 30.21 20.47 -21.77
CA GLN B 166 28.77 20.29 -21.79
C GLN B 166 28.34 19.35 -20.66
N PRO B 167 27.20 19.59 -19.96
CA PRO B 167 26.64 18.60 -19.05
C PRO B 167 26.12 17.36 -19.78
N GLU B 168 26.32 16.19 -19.16
CA GLU B 168 25.81 14.92 -19.64
C GLU B 168 24.71 14.50 -18.68
N ASN B 169 23.52 14.19 -19.20
CA ASN B 169 22.38 13.98 -18.31
C ASN B 169 21.81 12.57 -18.40
N ASN B 170 22.37 11.71 -19.26
CA ASN B 170 21.81 10.36 -19.39
C ASN B 170 22.40 9.42 -18.34
N TYR B 171 22.34 9.81 -17.07
CA TYR B 171 22.91 8.97 -16.02
C TYR B 171 21.86 8.70 -14.95
N LYS B 172 22.14 7.68 -14.15
CA LYS B 172 21.38 7.33 -12.98
C LYS B 172 22.37 6.99 -11.88
N THR B 173 22.13 7.52 -10.68
CA THR B 173 22.97 7.34 -9.52
C THR B 173 22.24 6.50 -8.46
N THR B 174 22.91 5.49 -7.89
CA THR B 174 22.31 4.68 -6.82
C THR B 174 22.18 5.54 -5.57
N PRO B 175 21.21 5.24 -4.66
CA PRO B 175 21.19 5.89 -3.36
C PRO B 175 22.44 5.50 -2.56
N PRO B 176 22.86 6.30 -1.57
CA PRO B 176 23.96 5.91 -0.68
C PRO B 176 23.62 4.60 0.02
N VAL B 177 24.66 3.76 0.17
CA VAL B 177 24.55 2.51 0.87
C VAL B 177 25.57 2.54 1.98
N LEU B 178 25.16 2.03 3.16
CA LEU B 178 25.98 1.99 4.36
C LEU B 178 27.02 0.90 4.20
N ASP B 179 28.30 1.27 4.36
CA ASP B 179 29.38 0.32 4.22
C ASP B 179 29.72 -0.24 5.61
N SER B 180 30.59 -1.25 5.66
CA SER B 180 30.81 -1.98 6.90
C SER B 180 31.50 -1.09 7.93
N ASP B 181 32.22 -0.05 7.49
CA ASP B 181 32.96 0.76 8.44
C ASP B 181 32.11 1.96 8.90
N GLY B 182 30.82 2.01 8.51
CA GLY B 182 29.95 3.10 8.94
C GLY B 182 29.97 4.32 8.00
N SER B 183 30.82 4.31 6.97
CA SER B 183 30.84 5.29 5.88
C SER B 183 29.82 4.90 4.83
N PHE B 184 29.74 5.70 3.72
CA PHE B 184 28.77 5.44 2.69
C PHE B 184 29.41 5.32 1.31
N PHE B 185 28.73 4.62 0.39
CA PHE B 185 29.25 4.47 -0.96
C PHE B 185 28.08 4.51 -1.92
N LEU B 186 28.37 4.91 -3.16
CA LEU B 186 27.35 4.88 -4.19
C LEU B 186 28.01 4.69 -5.55
N TYR B 187 27.22 4.26 -6.54
CA TYR B 187 27.72 4.24 -7.92
C TYR B 187 26.84 5.10 -8.79
N SER B 188 27.44 5.77 -9.78
CA SER B 188 26.68 6.45 -10.81
C SER B 188 27.04 5.86 -12.17
N LYS B 189 26.03 5.68 -13.03
CA LYS B 189 26.17 5.07 -14.35
C LYS B 189 25.75 6.07 -15.43
N LEU B 190 26.69 6.51 -16.26
CA LEU B 190 26.40 7.27 -17.45
C LEU B 190 26.37 6.34 -18.64
N THR B 191 25.26 6.38 -19.39
CA THR B 191 25.07 5.59 -20.61
C THR B 191 25.35 6.49 -21.82
N VAL B 192 26.25 6.07 -22.71
CA VAL B 192 26.58 6.83 -23.90
C VAL B 192 26.59 5.88 -25.09
N ASP B 193 26.43 6.43 -26.28
CA ASP B 193 26.56 5.66 -27.50
C ASP B 193 28.02 5.25 -27.61
N LYS B 194 28.25 3.99 -27.93
CA LYS B 194 29.61 3.47 -27.98
C LYS B 194 30.52 4.35 -28.84
N SER B 195 29.98 4.94 -29.92
CA SER B 195 30.81 5.72 -30.84
C SER B 195 31.52 6.87 -30.14
N ARG B 196 30.81 7.56 -29.24
CA ARG B 196 31.36 8.67 -28.49
C ARG B 196 32.57 8.23 -27.64
N TRP B 197 32.51 7.02 -27.06
CA TRP B 197 33.58 6.50 -26.22
C TRP B 197 34.81 6.13 -27.05
N GLN B 198 34.54 5.47 -28.17
CA GLN B 198 35.55 5.01 -29.10
C GLN B 198 36.29 6.16 -29.78
N GLN B 199 35.72 7.37 -29.77
CA GLN B 199 36.33 8.53 -30.41
C GLN B 199 37.44 9.10 -29.52
N GLY B 200 37.41 8.78 -28.22
CA GLY B 200 38.43 9.24 -27.29
C GLY B 200 37.95 10.38 -26.39
N ASN B 201 36.64 10.67 -26.44
CA ASN B 201 36.07 11.73 -25.62
C ASN B 201 36.29 11.42 -24.14
N VAL B 202 36.59 12.48 -23.38
CA VAL B 202 36.83 12.47 -21.96
C VAL B 202 35.55 12.89 -21.26
N PHE B 203 34.94 11.98 -20.50
CA PHE B 203 33.78 12.31 -19.70
C PHE B 203 34.26 12.44 -18.25
N SER B 204 33.51 13.22 -17.46
CA SER B 204 33.94 13.65 -16.14
C SER B 204 32.83 13.45 -15.10
N CYS B 205 33.21 12.83 -13.99
CA CYS B 205 32.36 12.59 -12.83
C CYS B 205 32.67 13.66 -11.78
N SER B 206 31.63 14.44 -11.43
CA SER B 206 31.78 15.57 -10.52
C SER B 206 31.07 15.23 -9.22
N VAL B 207 31.74 15.49 -8.11
CA VAL B 207 31.21 15.16 -6.80
C VAL B 207 31.30 16.40 -5.92
N MET B 208 30.18 16.74 -5.27
CA MET B 208 30.12 17.82 -4.32
C MET B 208 29.83 17.22 -2.96
N HIS B 209 30.65 17.56 -1.95
CA HIS B 209 30.44 17.08 -0.58
C HIS B 209 31.30 17.89 0.39
N GLU B 210 30.85 17.91 1.64
CA GLU B 210 31.35 18.82 2.64
C GLU B 210 32.82 18.55 2.91
N ALA B 211 33.25 17.29 2.82
CA ALA B 211 34.58 16.88 3.25
C ALA B 211 35.60 16.96 2.11
N LEU B 212 35.24 17.49 0.95
CA LEU B 212 36.19 17.79 -0.11
C LEU B 212 36.64 19.24 -0.05
N HIS B 213 37.90 19.49 -0.42
CA HIS B 213 38.40 20.86 -0.55
C HIS B 213 37.54 21.60 -1.57
N ASN B 214 37.13 22.84 -1.26
CA ASN B 214 36.24 23.62 -2.12
C ASN B 214 34.88 22.93 -2.34
N HIS B 215 34.61 21.90 -1.54
CA HIS B 215 33.39 21.11 -1.63
C HIS B 215 33.17 20.46 -3.00
N TYR B 216 34.23 20.13 -3.74
CA TYR B 216 34.08 19.72 -5.12
C TYR B 216 35.31 18.96 -5.58
N THR B 217 35.09 17.94 -6.41
CA THR B 217 36.16 17.28 -7.14
C THR B 217 35.57 16.74 -8.44
N GLN B 218 36.45 16.48 -9.39
CA GLN B 218 36.11 15.96 -10.71
C GLN B 218 37.12 14.88 -11.07
N LYS B 219 36.65 13.69 -11.48
CA LYS B 219 37.55 12.69 -12.03
C LYS B 219 37.14 12.37 -13.46
N SER B 220 38.17 12.19 -14.28
CA SER B 220 38.05 12.05 -15.71
C SER B 220 38.06 10.58 -16.12
N LEU B 221 37.44 10.26 -17.26
CA LEU B 221 37.44 8.90 -17.77
C LEU B 221 37.47 8.96 -19.29
N SER B 222 38.40 8.23 -19.91
CA SER B 222 38.61 8.27 -21.35
C SER B 222 39.28 6.99 -21.83
N LEU B 223 39.07 6.63 -23.09
CA LEU B 223 39.53 5.36 -23.63
C LEU B 223 41.06 5.24 -23.60
N SER B 224 41.76 6.12 -24.32
CA SER B 224 43.19 5.93 -24.55
C SER B 224 43.47 4.48 -24.95
N VAL C 4 -40.82 -33.41 16.76
CA VAL C 4 -40.56 -32.84 15.40
C VAL C 4 -41.71 -31.91 15.06
N THR C 5 -41.38 -30.72 14.56
CA THR C 5 -42.43 -29.79 14.18
C THR C 5 -42.26 -29.49 12.69
N PRO C 6 -43.37 -29.13 12.01
CA PRO C 6 -43.32 -28.52 10.68
C PRO C 6 -42.37 -27.32 10.54
N TYR C 7 -41.67 -27.25 9.41
CA TYR C 7 -40.86 -26.09 9.10
C TYR C 7 -41.75 -24.90 8.77
N HIS C 8 -41.38 -23.71 9.23
CA HIS C 8 -42.25 -22.56 9.16
C HIS C 8 -41.39 -21.31 9.22
N VAL C 9 -41.14 -20.70 8.05
CA VAL C 9 -40.14 -19.65 7.95
C VAL C 9 -40.72 -18.50 7.16
N THR C 10 -40.62 -17.29 7.72
CA THR C 10 -40.91 -16.05 7.02
C THR C 10 -39.61 -15.39 6.54
N SER C 11 -39.50 -15.24 5.20
CA SER C 11 -38.37 -14.70 4.44
C SER C 11 -38.68 -13.30 3.91
N VAL C 12 -37.79 -12.32 4.22
CA VAL C 12 -37.97 -10.94 3.79
C VAL C 12 -36.75 -10.52 2.99
N TRP C 13 -36.96 -9.98 1.77
CA TRP C 13 -35.87 -9.59 0.91
C TRP C 13 -35.97 -8.12 0.51
N THR C 14 -34.81 -7.52 0.23
CA THR C 14 -34.67 -6.11 -0.09
C THR C 14 -35.52 -5.75 -1.31
N LYS C 15 -36.17 -4.58 -1.27
CA LYS C 15 -36.90 -4.02 -2.41
C LYS C 15 -36.02 -4.16 -3.66
N GLY C 16 -36.50 -4.89 -4.67
CA GLY C 16 -35.88 -4.89 -5.99
C GLY C 16 -34.92 -6.06 -6.23
N VAL C 17 -34.85 -6.99 -5.25
CA VAL C 17 -33.86 -8.04 -5.24
C VAL C 17 -34.60 -9.36 -5.41
N THR C 18 -34.25 -10.11 -6.46
CA THR C 18 -34.78 -11.46 -6.65
C THR C 18 -33.91 -12.42 -5.84
N PRO C 19 -34.48 -13.18 -4.87
CA PRO C 19 -33.68 -14.17 -4.15
C PRO C 19 -33.06 -15.17 -5.11
N PRO C 20 -31.77 -15.56 -4.93
CA PRO C 20 -31.19 -16.60 -5.77
C PRO C 20 -32.02 -17.88 -5.66
N ALA C 21 -31.88 -18.75 -6.66
CA ALA C 21 -32.77 -19.87 -6.84
C ALA C 21 -32.01 -21.19 -6.63
N LYS C 22 -30.75 -21.21 -7.06
CA LYS C 22 -29.85 -22.35 -6.92
C LYS C 22 -28.81 -22.08 -5.83
N PHE C 23 -28.81 -22.93 -4.80
CA PHE C 23 -27.93 -22.82 -3.66
C PHE C 23 -27.20 -24.13 -3.42
N THR C 24 -25.89 -24.15 -3.65
CA THR C 24 -25.09 -25.34 -3.43
C THR C 24 -24.59 -25.35 -2.00
N GLN C 25 -24.50 -26.54 -1.37
CA GLN C 25 -23.75 -26.68 -0.13
C GLN C 25 -22.29 -26.95 -0.48
N GLY C 26 -21.40 -26.02 -0.09
CA GLY C 26 -19.95 -26.14 -0.27
C GLY C 26 -19.29 -26.75 0.96
N GLU C 27 -17.96 -26.95 0.88
CA GLU C 27 -17.27 -27.61 1.98
C GLU C 27 -17.44 -26.79 3.26
N ASP C 28 -17.47 -25.45 3.13
CA ASP C 28 -17.52 -24.57 4.28
C ASP C 28 -18.78 -23.69 4.34
N VAL C 29 -19.47 -23.44 3.22
CA VAL C 29 -20.61 -22.54 3.27
C VAL C 29 -21.68 -22.97 2.28
N PHE C 30 -22.94 -22.65 2.59
CA PHE C 30 -24.05 -22.77 1.65
C PHE C 30 -24.23 -21.47 0.87
N HIS C 31 -24.15 -21.51 -0.46
CA HIS C 31 -24.03 -20.27 -1.22
C HIS C 31 -24.70 -20.39 -2.58
N ALA C 32 -25.12 -19.22 -3.09
CA ALA C 32 -25.67 -19.13 -4.43
C ALA C 32 -24.73 -18.27 -5.27
N PRO C 33 -24.18 -18.79 -6.39
CA PRO C 33 -23.24 -18.04 -7.22
C PRO C 33 -23.80 -16.78 -7.85
N TYR C 34 -22.96 -15.77 -8.09
CA TYR C 34 -23.44 -14.48 -8.55
C TYR C 34 -24.00 -14.59 -9.96
N VAL C 35 -25.23 -14.13 -10.15
CA VAL C 35 -25.81 -13.96 -11.47
C VAL C 35 -26.28 -12.52 -11.53
N ALA C 36 -25.76 -11.74 -12.47
CA ALA C 36 -26.12 -10.33 -12.55
C ALA C 36 -27.59 -10.13 -12.94
N ASN C 37 -28.12 -8.99 -12.49
CA ASN C 37 -29.37 -8.40 -12.97
C ASN C 37 -30.54 -9.00 -12.18
N GLN C 38 -30.19 -9.55 -11.02
CA GLN C 38 -31.13 -10.11 -10.08
C GLN C 38 -31.32 -9.11 -8.94
N GLY C 39 -30.56 -7.99 -8.99
CA GLY C 39 -30.79 -6.82 -8.16
C GLY C 39 -29.80 -6.70 -6.98
N TRP C 40 -28.98 -7.73 -6.79
CA TRP C 40 -27.99 -7.77 -5.71
C TRP C 40 -26.57 -7.74 -6.29
N TYR C 41 -25.58 -7.45 -5.42
CA TYR C 41 -24.27 -7.02 -5.85
C TYR C 41 -23.21 -7.69 -4.98
N ASP C 42 -22.04 -7.99 -5.59
CA ASP C 42 -20.93 -8.61 -4.91
C ASP C 42 -19.60 -7.92 -5.30
N ILE C 43 -19.38 -6.68 -4.89
CA ILE C 43 -18.05 -6.10 -5.05
C ILE C 43 -17.05 -6.97 -4.27
N THR C 44 -15.96 -7.37 -4.94
CA THR C 44 -15.06 -8.36 -4.42
C THR C 44 -13.63 -7.82 -4.47
N LYS C 45 -12.98 -7.80 -3.31
CA LYS C 45 -11.62 -7.29 -3.19
C LYS C 45 -10.61 -8.18 -3.89
N THR C 46 -9.56 -7.56 -4.44
CA THR C 46 -8.46 -8.28 -5.04
C THR C 46 -7.29 -8.32 -4.04
N PHE C 47 -7.35 -7.50 -2.99
CA PHE C 47 -6.28 -7.50 -2.01
C PHE C 47 -4.97 -7.01 -2.62
N ASN C 48 -4.99 -5.85 -3.27
CA ASN C 48 -3.79 -5.33 -3.93
C ASN C 48 -2.95 -4.43 -3.01
N GLY C 49 -3.36 -4.26 -1.74
CA GLY C 49 -2.64 -3.47 -0.75
C GLY C 49 -3.45 -2.23 -0.40
N LYS C 50 -4.33 -1.83 -1.34
CA LYS C 50 -5.16 -0.65 -1.19
C LYS C 50 -6.58 -1.03 -0.74
N ASP C 51 -7.13 -2.18 -1.18
CA ASP C 51 -8.53 -2.48 -0.86
C ASP C 51 -8.67 -3.35 0.36
N ASP C 52 -7.54 -3.85 0.85
CA ASP C 52 -7.51 -4.83 1.91
C ASP C 52 -8.54 -4.50 3.00
N LEU C 53 -8.61 -3.25 3.46
CA LEU C 53 -9.48 -2.93 4.60
C LEU C 53 -10.64 -2.03 4.18
N LEU C 54 -11.14 -2.20 2.94
CA LEU C 54 -12.11 -1.26 2.38
C LEU C 54 -13.48 -1.89 2.21
N ALA C 55 -13.91 -2.66 3.22
CA ALA C 55 -15.18 -3.38 3.21
C ALA C 55 -16.34 -2.43 3.42
N GLY C 56 -16.05 -1.33 4.13
CA GLY C 56 -17.02 -0.25 4.28
C GLY C 56 -17.38 0.39 2.94
N ALA C 57 -16.36 0.69 2.13
CA ALA C 57 -16.57 1.32 0.83
C ALA C 57 -17.17 0.33 -0.17
N ALA C 58 -16.92 -0.97 0.06
CA ALA C 58 -17.45 -2.02 -0.79
C ALA C 58 -18.94 -2.22 -0.50
N THR C 59 -19.30 -2.25 0.80
CA THR C 59 -20.67 -2.47 1.23
C THR C 59 -21.52 -1.29 0.77
N ALA C 60 -20.97 -0.09 0.90
CA ALA C 60 -21.56 1.12 0.35
C ALA C 60 -21.66 1.04 -1.17
N GLY C 61 -20.58 0.72 -1.86
CA GLY C 61 -20.59 0.43 -3.29
C GLY C 61 -21.76 -0.45 -3.75
N ASN C 62 -21.98 -1.61 -3.08
CA ASN C 62 -23.09 -2.50 -3.40
C ASN C 62 -24.43 -1.84 -3.12
N MET C 63 -24.52 -1.04 -2.04
CA MET C 63 -25.74 -0.30 -1.73
C MET C 63 -25.96 0.80 -2.76
N LEU C 64 -24.89 1.35 -3.33
CA LEU C 64 -25.07 2.41 -4.32
C LEU C 64 -25.57 1.81 -5.64
N HIS C 65 -25.10 0.60 -5.95
CA HIS C 65 -25.37 0.00 -7.24
C HIS C 65 -26.83 -0.44 -7.30
N TRP C 66 -27.36 -0.84 -6.14
CA TRP C 66 -28.78 -1.07 -5.90
C TRP C 66 -29.57 0.22 -6.07
N TRP C 67 -29.09 1.28 -5.41
CA TRP C 67 -29.74 2.58 -5.39
C TRP C 67 -29.97 3.09 -6.80
N PHE C 68 -29.05 2.75 -7.68
CA PHE C 68 -29.04 3.20 -9.06
C PHE C 68 -30.12 2.48 -9.85
N ASP C 69 -30.25 1.18 -9.56
CA ASP C 69 -31.28 0.31 -10.09
C ASP C 69 -32.68 0.74 -9.64
N GLN C 70 -32.83 1.17 -8.38
CA GLN C 70 -34.15 1.56 -7.90
C GLN C 70 -34.59 2.89 -8.51
N ASN C 71 -33.63 3.78 -8.80
CA ASN C 71 -33.91 5.18 -9.08
C ASN C 71 -33.50 5.49 -10.52
N ASN C 72 -33.58 4.46 -11.36
CA ASN C 72 -32.87 4.34 -12.63
C ASN C 72 -33.36 5.37 -13.65
N GLU C 73 -34.64 5.74 -13.56
CA GLU C 73 -35.23 6.63 -14.55
C GLU C 73 -35.13 8.08 -14.09
N LYS C 74 -35.28 8.26 -12.78
CA LYS C 74 -35.09 9.58 -12.19
C LYS C 74 -33.62 9.98 -12.33
N ILE C 75 -32.71 9.01 -12.25
CA ILE C 75 -31.28 9.30 -12.30
C ILE C 75 -30.86 9.71 -13.71
N GLU C 76 -31.33 9.02 -14.78
CA GLU C 76 -31.00 9.40 -16.15
C GLU C 76 -31.53 10.78 -16.49
N ALA C 77 -32.66 11.15 -15.87
CA ALA C 77 -33.30 12.44 -16.08
C ALA C 77 -32.50 13.55 -15.42
N TYR C 78 -31.93 13.23 -14.25
CA TYR C 78 -31.10 14.13 -13.47
C TYR C 78 -29.81 14.41 -14.22
N LEU C 79 -29.25 13.40 -14.90
CA LEU C 79 -27.96 13.56 -15.55
C LEU C 79 -28.08 14.34 -16.88
N LYS C 80 -29.27 14.35 -17.50
CA LYS C 80 -29.56 15.21 -18.65
C LYS C 80 -29.82 16.64 -18.18
N LYS C 81 -30.48 16.79 -17.03
CA LYS C 81 -30.81 18.09 -16.47
C LYS C 81 -29.57 18.81 -15.94
N HIS C 82 -28.62 18.01 -15.39
CA HIS C 82 -27.38 18.50 -14.81
C HIS C 82 -26.22 17.70 -15.40
N PRO C 83 -25.80 17.92 -16.66
CA PRO C 83 -24.76 17.10 -17.28
C PRO C 83 -23.41 17.14 -16.57
N ASP C 84 -23.18 18.19 -15.77
CA ASP C 84 -21.94 18.37 -15.03
C ASP C 84 -21.76 17.33 -13.92
N LYS C 85 -22.85 16.65 -13.54
CA LYS C 85 -22.82 15.65 -12.48
C LYS C 85 -22.58 14.26 -13.07
N GLN C 86 -22.36 14.19 -14.37
CA GLN C 86 -21.94 12.98 -15.04
C GLN C 86 -20.45 12.70 -14.83
N LYS C 87 -19.70 13.66 -14.29
CA LYS C 87 -18.28 13.45 -14.02
C LYS C 87 -17.88 14.15 -12.72
N ILE C 88 -16.94 13.52 -12.03
CA ILE C 88 -16.10 14.12 -11.00
C ILE C 88 -14.78 14.53 -11.64
N MET C 89 -14.52 15.84 -11.64
CA MET C 89 -13.29 16.41 -12.17
C MET C 89 -12.43 16.83 -10.98
N PHE C 90 -11.12 16.64 -11.10
CA PHE C 90 -10.19 17.32 -10.21
C PHE C 90 -9.37 18.28 -11.07
N GLY C 91 -9.92 19.48 -11.29
CA GLY C 91 -9.38 20.39 -12.29
C GLY C 91 -9.50 19.79 -13.69
N ASP C 92 -8.37 19.35 -14.25
CA ASP C 92 -8.30 18.98 -15.65
C ASP C 92 -8.53 17.48 -15.82
N GLN C 93 -8.16 16.68 -14.80
CA GLN C 93 -8.23 15.23 -14.86
C GLN C 93 -9.63 14.73 -14.55
N GLU C 94 -10.00 13.57 -15.14
CA GLU C 94 -11.25 12.89 -14.85
C GLU C 94 -11.05 11.75 -13.86
N LEU C 95 -11.76 11.78 -12.72
CA LEU C 95 -11.62 10.80 -11.66
C LEU C 95 -12.72 9.74 -11.72
N LEU C 96 -13.89 10.10 -12.23
CA LEU C 96 -15.00 9.17 -12.33
C LEU C 96 -15.97 9.63 -13.42
N ASP C 97 -16.51 8.65 -14.17
CA ASP C 97 -17.60 8.87 -15.13
C ASP C 97 -18.81 8.12 -14.61
N VAL C 98 -19.92 8.85 -14.36
CA VAL C 98 -21.08 8.22 -13.78
C VAL C 98 -21.73 7.25 -14.77
N ARG C 99 -21.48 7.46 -16.08
CA ARG C 99 -21.94 6.56 -17.12
C ARG C 99 -21.23 5.21 -16.99
N LYS C 100 -19.92 5.21 -16.70
CA LYS C 100 -19.16 3.97 -16.57
C LYS C 100 -19.64 3.16 -15.35
N VAL C 101 -19.80 3.87 -14.22
CA VAL C 101 -20.28 3.25 -13.01
C VAL C 101 -21.49 2.37 -13.37
N ILE C 102 -22.39 2.94 -14.17
CA ILE C 102 -23.63 2.27 -14.53
C ILE C 102 -23.32 1.07 -15.43
N ASN C 103 -22.39 1.18 -16.37
CA ASN C 103 -22.19 0.11 -17.33
C ASN C 103 -21.35 -1.03 -16.75
N THR C 104 -20.62 -0.77 -15.65
CA THR C 104 -19.75 -1.77 -15.06
C THR C 104 -20.29 -2.30 -13.72
N LYS C 105 -21.39 -1.75 -13.19
CA LYS C 105 -21.84 -2.06 -11.83
C LYS C 105 -22.06 -3.56 -11.61
N GLY C 106 -22.25 -4.31 -12.70
CA GLY C 106 -22.42 -5.76 -12.67
C GLY C 106 -21.13 -6.52 -12.36
N ASP C 107 -19.96 -5.85 -12.46
CA ASP C 107 -18.66 -6.50 -12.36
C ASP C 107 -18.21 -6.55 -10.89
N GLN C 108 -17.95 -7.76 -10.39
CA GLN C 108 -17.62 -7.95 -8.99
C GLN C 108 -16.26 -7.35 -8.67
N THR C 109 -15.27 -7.66 -9.53
CA THR C 109 -13.87 -7.30 -9.38
C THR C 109 -13.48 -5.98 -10.07
N ASN C 110 -14.29 -5.42 -10.96
CA ASN C 110 -13.76 -4.32 -11.75
C ASN C 110 -14.87 -3.31 -12.07
N SER C 111 -15.75 -3.08 -11.10
CA SER C 111 -16.68 -1.97 -11.19
C SER C 111 -15.89 -0.67 -11.10
N GLU C 112 -16.31 0.33 -11.87
CA GLU C 112 -15.67 1.63 -11.79
C GLU C 112 -15.84 2.24 -10.41
N LEU C 113 -16.95 1.93 -9.73
CA LEU C 113 -17.26 2.54 -8.44
C LEU C 113 -16.30 2.03 -7.37
N PHE C 114 -15.83 0.78 -7.44
CA PHE C 114 -14.90 0.33 -6.40
C PHE C 114 -13.47 0.71 -6.78
N ASN C 115 -13.19 0.78 -8.09
CA ASN C 115 -11.87 1.16 -8.54
C ASN C 115 -11.59 2.57 -8.02
N TYR C 116 -12.57 3.45 -8.25
CA TYR C 116 -12.51 4.83 -7.82
C TYR C 116 -12.37 4.94 -6.30
N PHE C 117 -13.10 4.09 -5.54
CA PHE C 117 -13.00 4.13 -4.09
C PHE C 117 -11.60 3.70 -3.67
N ARG C 118 -11.08 2.67 -4.33
CA ARG C 118 -9.82 2.07 -3.95
C ARG C 118 -8.65 2.95 -4.32
N ASP C 119 -8.75 3.62 -5.47
CA ASP C 119 -7.61 4.21 -6.14
C ASP C 119 -7.55 5.72 -5.91
N LYS C 120 -8.69 6.38 -5.79
CA LYS C 120 -8.71 7.83 -5.73
C LYS C 120 -9.20 8.30 -4.37
N ALA C 121 -10.37 7.79 -3.93
CA ALA C 121 -11.04 8.38 -2.79
C ALA C 121 -10.37 7.93 -1.49
N PHE C 122 -10.07 6.63 -1.34
CA PHE C 122 -9.62 6.10 -0.07
C PHE C 122 -8.40 5.20 -0.20
N PRO C 123 -7.38 5.52 -1.03
CA PRO C 123 -6.20 4.66 -1.21
C PRO C 123 -5.22 4.48 -0.05
N GLY C 124 -5.22 5.40 0.91
CA GLY C 124 -4.29 5.30 2.03
C GLY C 124 -4.93 4.77 3.30
N LEU C 125 -6.13 4.20 3.24
CA LEU C 125 -6.76 3.76 4.47
C LEU C 125 -6.17 2.45 4.98
N SER C 126 -5.86 1.49 4.10
CA SER C 126 -5.44 0.17 4.52
C SER C 126 -4.06 0.25 5.18
N ALA C 127 -3.16 1.01 4.56
CA ALA C 127 -1.87 1.34 5.15
C ALA C 127 -2.01 1.88 6.57
N ARG C 128 -3.05 2.68 6.82
CA ARG C 128 -3.27 3.29 8.12
C ARG C 128 -3.91 2.29 9.08
N ARG C 129 -4.50 1.23 8.51
CA ARG C 129 -5.09 0.14 9.30
C ARG C 129 -6.41 0.59 9.89
N ILE C 130 -7.04 1.57 9.23
CA ILE C 130 -8.40 1.96 9.52
C ILE C 130 -9.21 1.64 8.28
N GLY C 131 -10.53 1.69 8.38
CA GLY C 131 -11.36 1.64 7.21
C GLY C 131 -12.32 2.82 7.18
N VAL C 132 -13.51 2.59 6.65
CA VAL C 132 -14.43 3.70 6.48
C VAL C 132 -15.84 3.19 6.72
N MET C 133 -16.69 4.09 7.22
CA MET C 133 -18.02 3.75 7.66
C MET C 133 -18.87 3.83 6.40
N PRO C 134 -19.67 2.77 6.09
CA PRO C 134 -20.49 2.76 4.86
C PRO C 134 -21.43 3.95 4.71
N ASP C 135 -22.15 4.26 5.79
CA ASP C 135 -23.12 5.34 5.78
C ASP C 135 -22.47 6.61 5.30
N LEU C 136 -21.25 6.86 5.80
CA LEU C 136 -20.50 8.06 5.54
C LEU C 136 -20.05 8.07 4.07
N VAL C 137 -19.63 6.93 3.52
CA VAL C 137 -19.35 6.87 2.08
C VAL C 137 -20.59 7.27 1.25
N LEU C 138 -21.77 6.87 1.72
CA LEU C 138 -23.01 7.12 1.02
C LEU C 138 -23.40 8.58 1.16
N ASP C 139 -23.25 9.10 2.37
CA ASP C 139 -23.62 10.49 2.55
C ASP C 139 -22.66 11.36 1.75
N MET C 140 -21.43 10.88 1.55
CA MET C 140 -20.46 11.64 0.77
C MET C 140 -20.81 11.46 -0.72
N PHE C 141 -21.16 10.26 -1.17
CA PHE C 141 -21.34 10.08 -2.61
C PHE C 141 -22.60 10.78 -3.13
N ILE C 142 -23.71 10.72 -2.38
CA ILE C 142 -25.00 11.20 -2.85
C ILE C 142 -25.18 12.69 -2.52
N ASN C 143 -25.10 13.03 -1.23
CA ASN C 143 -25.32 14.39 -0.78
C ASN C 143 -24.05 15.25 -0.94
N GLY C 144 -22.88 14.62 -0.88
CA GLY C 144 -21.60 15.31 -1.01
C GLY C 144 -21.09 15.85 0.33
N TYR C 145 -21.54 15.26 1.42
CA TYR C 145 -21.07 15.69 2.74
C TYR C 145 -19.61 15.30 2.88
N TYR C 146 -18.79 16.29 3.28
CA TYR C 146 -17.36 16.10 3.44
C TYR C 146 -17.12 14.92 4.37
N LEU C 147 -16.17 14.04 4.06
CA LEU C 147 -15.82 12.86 4.85
C LEU C 147 -14.39 12.98 5.31
N ASN C 148 -14.27 13.32 6.59
CA ASN C 148 -13.02 13.29 7.32
C ASN C 148 -12.86 11.87 7.86
N VAL C 149 -11.88 11.14 7.32
CA VAL C 149 -11.77 9.71 7.48
C VAL C 149 -11.31 9.36 8.90
N TYR C 150 -10.93 10.38 9.68
CA TYR C 150 -10.51 10.19 11.06
C TYR C 150 -11.66 10.45 12.01
N LYS C 151 -12.78 10.95 11.50
CA LYS C 151 -13.98 11.18 12.29
C LYS C 151 -15.05 10.15 11.91
N THR C 152 -15.63 9.45 12.90
CA THR C 152 -16.41 8.24 12.65
C THR C 152 -17.88 8.36 13.06
N GLN C 153 -18.25 9.47 13.73
CA GLN C 153 -19.63 9.74 14.12
C GLN C 153 -20.50 9.78 12.87
N THR C 154 -21.82 9.57 13.05
CA THR C 154 -22.79 9.72 11.96
C THR C 154 -22.84 11.18 11.53
N THR C 155 -23.29 11.39 10.28
CA THR C 155 -23.43 12.71 9.71
C THR C 155 -24.41 13.56 10.52
N ASP C 156 -23.95 14.73 10.98
CA ASP C 156 -24.81 15.74 11.56
C ASP C 156 -25.17 16.76 10.48
N VAL C 157 -26.46 16.81 10.14
CA VAL C 157 -26.94 17.68 9.08
C VAL C 157 -26.78 19.14 9.54
N ASN C 158 -26.81 19.36 10.85
CA ASN C 158 -26.79 20.71 11.37
C ASN C 158 -25.37 21.22 11.60
N ARG C 159 -24.36 20.53 11.03
CA ARG C 159 -22.97 20.79 11.36
C ARG C 159 -22.52 22.06 10.68
N THR C 160 -21.35 22.56 11.05
CA THR C 160 -20.87 23.86 10.60
C THR C 160 -20.32 23.77 9.18
N TYR C 161 -19.52 22.74 8.88
CA TYR C 161 -18.95 22.58 7.55
C TYR C 161 -19.97 21.92 6.64
N GLN C 162 -20.52 22.72 5.72
CA GLN C 162 -21.64 22.33 4.91
C GLN C 162 -21.25 22.26 3.43
N GLU C 163 -19.95 22.45 3.10
CA GLU C 163 -19.50 22.44 1.72
C GLU C 163 -19.40 21.01 1.24
N LYS C 164 -19.35 20.88 -0.09
CA LYS C 164 -19.42 19.62 -0.81
C LYS C 164 -18.05 18.91 -0.86
N ASP C 165 -18.06 17.57 -0.78
CA ASP C 165 -16.82 16.79 -0.95
C ASP C 165 -16.51 16.66 -2.43
N ARG C 166 -15.27 16.92 -2.81
CA ARG C 166 -14.90 16.96 -4.22
C ARG C 166 -14.84 15.54 -4.77
N ARG C 167 -14.98 14.56 -3.88
CA ARG C 167 -14.97 13.16 -4.26
C ARG C 167 -16.38 12.71 -4.60
N GLY C 168 -17.38 13.51 -4.22
CA GLY C 168 -18.75 13.06 -4.39
C GLY C 168 -19.71 14.17 -4.73
N GLY C 169 -20.91 14.08 -4.16
CA GLY C 169 -21.94 15.09 -4.33
C GLY C 169 -22.77 14.90 -5.60
N ILE C 170 -22.88 13.66 -6.14
CA ILE C 170 -23.41 13.45 -7.49
C ILE C 170 -24.86 13.89 -7.56
N PHE C 171 -25.63 13.62 -6.51
CA PHE C 171 -27.06 13.92 -6.51
C PHE C 171 -27.39 15.08 -5.58
N ASP C 172 -26.46 16.05 -5.54
CA ASP C 172 -26.45 17.21 -4.65
C ASP C 172 -27.72 18.05 -4.78
N ALA C 173 -28.26 18.12 -6.00
CA ALA C 173 -29.26 19.11 -6.39
C ALA C 173 -30.64 18.62 -6.03
N VAL C 174 -30.76 17.30 -5.74
CA VAL C 174 -31.94 16.77 -5.07
C VAL C 174 -31.62 16.48 -3.60
N PHE C 175 -30.66 15.59 -3.37
CA PHE C 175 -30.25 15.29 -2.01
C PHE C 175 -29.26 16.34 -1.52
N THR C 176 -29.77 17.45 -0.96
CA THR C 176 -28.93 18.55 -0.53
C THR C 176 -28.29 18.18 0.80
N ARG C 177 -27.45 19.08 1.32
CA ARG C 177 -26.91 19.04 2.67
C ARG C 177 -27.67 20.02 3.55
N GLY C 178 -27.75 19.74 4.84
CA GLY C 178 -28.37 20.65 5.79
C GLY C 178 -29.83 20.30 6.09
N ASP C 179 -30.46 19.48 5.24
CA ASP C 179 -31.82 19.02 5.45
C ASP C 179 -31.79 17.57 5.93
N GLN C 180 -32.24 17.36 7.16
CA GLN C 180 -32.48 16.04 7.70
C GLN C 180 -33.17 15.13 6.67
N SER C 181 -34.22 15.69 6.03
CA SER C 181 -35.13 14.88 5.24
C SER C 181 -34.46 14.28 4.02
N LYS C 182 -33.27 14.79 3.65
CA LYS C 182 -32.58 14.37 2.44
C LYS C 182 -31.41 13.43 2.75
N LEU C 183 -31.16 13.17 4.04
CA LEU C 183 -30.17 12.20 4.46
C LEU C 183 -30.81 10.82 4.34
N LEU C 184 -30.19 9.92 3.57
CA LEU C 184 -30.83 8.66 3.21
C LEU C 184 -30.27 7.51 4.05
N THR C 185 -29.46 7.83 5.08
CA THR C 185 -28.68 6.79 5.71
C THR C 185 -29.04 6.72 7.18
N SER C 186 -28.79 5.55 7.75
CA SER C 186 -28.93 5.36 9.16
C SER C 186 -27.78 4.47 9.58
N ARG C 187 -27.55 4.43 10.89
CA ARG C 187 -26.61 3.51 11.49
C ARG C 187 -27.13 3.19 12.89
N HIS C 188 -27.02 1.91 13.29
CA HIS C 188 -27.58 1.40 14.54
C HIS C 188 -26.55 0.50 15.22
N ASP C 189 -26.40 0.64 16.54
CA ASP C 189 -25.59 -0.23 17.37
C ASP C 189 -26.38 -1.42 17.88
N PHE C 190 -25.85 -2.64 17.76
CA PHE C 190 -26.48 -3.88 18.17
C PHE C 190 -25.78 -4.56 19.35
N LYS C 191 -24.59 -4.13 19.74
CA LYS C 191 -24.03 -4.61 20.99
C LYS C 191 -25.08 -4.34 22.07
N GLU C 192 -25.20 -5.21 23.07
CA GLU C 192 -26.12 -4.96 24.18
C GLU C 192 -27.60 -5.24 23.86
N LYS C 193 -27.95 -5.55 22.61
CA LYS C 193 -29.35 -5.71 22.23
C LYS C 193 -29.66 -7.19 22.04
N THR C 194 -30.97 -7.50 22.06
CA THR C 194 -31.43 -8.88 22.10
C THR C 194 -31.61 -9.41 20.68
N LEU C 195 -31.66 -10.73 20.56
CA LEU C 195 -32.09 -11.39 19.33
C LEU C 195 -33.40 -10.78 18.81
N LYS C 196 -34.38 -10.69 19.69
CA LYS C 196 -35.68 -10.07 19.40
C LYS C 196 -35.51 -8.65 18.87
N GLU C 197 -34.77 -7.82 19.62
CA GLU C 197 -34.61 -6.42 19.25
C GLU C 197 -33.95 -6.32 17.89
N ILE C 198 -32.89 -7.12 17.68
CA ILE C 198 -32.14 -7.10 16.44
C ILE C 198 -33.00 -7.65 15.30
N SER C 199 -33.59 -8.85 15.48
CA SER C 199 -34.55 -9.41 14.54
C SER C 199 -35.58 -8.36 14.10
N ASP C 200 -36.15 -7.68 15.09
CA ASP C 200 -37.25 -6.74 14.88
C ASP C 200 -36.79 -5.54 14.04
N LEU C 201 -35.56 -5.10 14.23
CA LEU C 201 -35.10 -3.93 13.51
C LEU C 201 -34.77 -4.31 12.07
N ILE C 202 -34.21 -5.51 11.89
CA ILE C 202 -33.89 -5.92 10.53
C ILE C 202 -35.18 -6.14 9.71
N LYS C 203 -36.23 -6.65 10.35
CA LYS C 203 -37.49 -6.91 9.66
C LYS C 203 -38.10 -5.58 9.19
N LYS C 204 -38.18 -4.60 10.09
CA LYS C 204 -38.76 -3.31 9.77
C LYS C 204 -37.96 -2.64 8.65
N GLU C 205 -36.64 -2.64 8.75
CA GLU C 205 -35.87 -1.88 7.77
C GLU C 205 -36.03 -2.50 6.39
N LEU C 206 -35.96 -3.83 6.31
CA LEU C 206 -36.21 -4.50 5.05
C LEU C 206 -37.62 -4.15 4.53
N THR C 207 -38.60 -4.21 5.43
CA THR C 207 -40.01 -4.06 5.08
C THR C 207 -40.31 -2.63 4.62
N GLU C 208 -39.55 -1.66 5.14
CA GLU C 208 -39.70 -0.27 4.73
C GLU C 208 -38.90 0.01 3.46
N GLY C 209 -38.15 -0.97 2.97
CA GLY C 209 -37.54 -0.84 1.66
C GLY C 209 -36.13 -0.25 1.68
N LYS C 210 -35.36 -0.53 2.74
CA LYS C 210 -33.99 -0.07 2.84
C LYS C 210 -33.06 -1.19 2.39
N ALA C 211 -31.86 -0.76 1.97
CA ALA C 211 -30.75 -1.67 1.78
C ALA C 211 -29.93 -1.70 3.08
N LEU C 212 -29.39 -2.87 3.43
CA LEU C 212 -28.79 -3.08 4.75
C LEU C 212 -27.33 -3.50 4.65
N GLY C 213 -26.50 -2.97 5.53
CA GLY C 213 -25.20 -3.56 5.76
C GLY C 213 -25.06 -3.93 7.23
N LEU C 214 -24.35 -5.02 7.51
CA LEU C 214 -24.22 -5.60 8.83
C LEU C 214 -22.74 -5.72 9.14
N SER C 215 -22.30 -5.20 10.27
CA SER C 215 -20.92 -5.37 10.68
C SER C 215 -20.85 -6.49 11.72
N HIS C 216 -19.63 -7.04 11.91
CA HIS C 216 -19.44 -8.14 12.84
C HIS C 216 -17.96 -8.32 13.20
N THR C 217 -17.75 -9.02 14.33
CA THR C 217 -16.43 -9.37 14.83
C THR C 217 -15.81 -10.33 13.84
N TYR C 218 -14.47 -10.26 13.69
CA TYR C 218 -13.74 -10.97 12.65
C TYR C 218 -12.54 -11.70 13.26
N ALA C 219 -12.73 -12.25 14.48
CA ALA C 219 -11.77 -13.06 15.22
C ALA C 219 -10.44 -12.32 15.45
N ASN C 220 -10.51 -11.02 15.76
CA ASN C 220 -9.34 -10.26 16.18
C ASN C 220 -9.82 -9.19 17.14
N VAL C 221 -8.86 -8.56 17.85
CA VAL C 221 -9.17 -7.60 18.89
C VAL C 221 -9.32 -6.21 18.30
N ARG C 222 -8.86 -6.03 17.06
CA ARG C 222 -8.65 -4.70 16.54
C ARG C 222 -9.57 -4.32 15.38
N ILE C 223 -9.97 -5.24 14.50
CA ILE C 223 -10.60 -4.75 13.27
C ILE C 223 -11.68 -5.74 12.86
N ASN C 224 -12.90 -5.20 12.66
CA ASN C 224 -14.15 -5.93 12.51
C ASN C 224 -14.53 -5.88 11.04
N HIS C 225 -15.59 -6.59 10.61
CA HIS C 225 -15.94 -6.71 9.19
C HIS C 225 -17.33 -6.14 8.93
N VAL C 226 -17.65 -5.86 7.65
CA VAL C 226 -18.97 -5.36 7.31
C VAL C 226 -19.33 -6.00 6.00
N ILE C 227 -20.61 -6.41 5.83
CA ILE C 227 -21.09 -7.09 4.64
C ILE C 227 -22.49 -6.58 4.29
N ASN C 228 -23.00 -6.96 3.11
CA ASN C 228 -24.34 -6.60 2.68
C ASN C 228 -25.34 -7.68 3.06
N LEU C 229 -26.43 -7.22 3.68
CA LEU C 229 -27.47 -8.07 4.22
C LEU C 229 -28.68 -7.92 3.28
N TRP C 230 -28.90 -8.92 2.42
CA TRP C 230 -29.84 -8.79 1.31
C TRP C 230 -31.21 -9.38 1.63
N GLY C 231 -31.23 -10.49 2.38
CA GLY C 231 -32.48 -11.09 2.84
C GLY C 231 -32.31 -11.72 4.21
N ALA C 232 -33.43 -11.93 4.91
CA ALA C 232 -33.42 -12.57 6.23
C ALA C 232 -34.57 -13.57 6.32
N ASP C 233 -34.35 -14.68 7.05
CA ASP C 233 -35.40 -15.63 7.41
C ASP C 233 -35.69 -15.52 8.90
N PHE C 234 -36.98 -15.47 9.29
CA PHE C 234 -37.41 -15.40 10.68
C PHE C 234 -38.27 -16.62 11.02
N ASP C 235 -38.36 -16.97 12.31
CA ASP C 235 -39.13 -18.14 12.73
C ASP C 235 -40.56 -17.68 13.02
N SER C 236 -41.42 -18.62 13.43
CA SER C 236 -42.80 -18.31 13.76
C SER C 236 -42.87 -17.33 14.93
N ASN C 237 -41.87 -17.38 15.83
CA ASN C 237 -41.77 -16.40 16.92
C ASN C 237 -41.14 -15.09 16.46
N GLY C 238 -40.69 -15.02 15.20
CA GLY C 238 -40.30 -13.77 14.59
C GLY C 238 -38.84 -13.40 14.87
N ASN C 239 -38.04 -14.37 15.32
CA ASN C 239 -36.61 -14.16 15.51
C ASN C 239 -35.86 -14.64 14.29
N LEU C 240 -34.73 -13.97 14.01
CA LEU C 240 -33.88 -14.36 12.90
C LEU C 240 -33.41 -15.78 13.11
N GLU C 241 -33.42 -16.54 12.02
CA GLU C 241 -32.85 -17.87 11.99
C GLU C 241 -31.58 -17.82 11.12
N ALA C 242 -31.53 -16.84 10.21
CA ALA C 242 -30.66 -16.91 9.06
C ALA C 242 -30.74 -15.59 8.28
N ILE C 243 -29.64 -15.30 7.54
CA ILE C 243 -29.52 -14.16 6.67
C ILE C 243 -28.74 -14.58 5.42
N TYR C 244 -28.82 -13.71 4.40
CA TYR C 244 -28.21 -13.95 3.10
C TYR C 244 -27.38 -12.70 2.82
N VAL C 245 -26.12 -12.91 2.43
CA VAL C 245 -25.13 -11.85 2.43
C VAL C 245 -24.20 -11.99 1.23
N THR C 246 -23.63 -10.86 0.79
CA THR C 246 -22.43 -10.80 -0.04
C THR C 246 -21.32 -10.14 0.79
N ASP C 247 -20.06 -10.47 0.49
CA ASP C 247 -18.92 -10.19 1.37
C ASP C 247 -17.72 -9.96 0.48
N SER C 248 -17.01 -8.83 0.68
CA SER C 248 -16.01 -8.40 -0.29
C SER C 248 -14.72 -9.20 -0.13
N ASP C 249 -14.54 -9.86 1.03
CA ASP C 249 -13.38 -10.72 1.27
C ASP C 249 -13.56 -12.10 0.65
N SER C 250 -14.81 -12.46 0.35
CA SER C 250 -15.13 -13.71 -0.31
C SER C 250 -14.97 -13.56 -1.81
N ASN C 251 -14.31 -14.56 -2.42
CA ASN C 251 -13.96 -14.48 -3.83
C ASN C 251 -15.25 -14.58 -4.65
N ALA C 252 -15.11 -14.34 -5.96
CA ALA C 252 -16.23 -13.97 -6.79
C ALA C 252 -17.10 -15.20 -7.10
N SER C 253 -16.53 -16.40 -6.97
CA SER C 253 -17.24 -17.64 -7.27
C SER C 253 -18.22 -18.04 -6.17
N ILE C 254 -18.18 -17.37 -5.01
CA ILE C 254 -19.03 -17.74 -3.90
C ILE C 254 -20.39 -17.04 -4.01
N GLY C 255 -20.39 -15.70 -4.06
CA GLY C 255 -21.62 -14.93 -4.20
C GLY C 255 -22.44 -14.87 -2.91
N MET C 256 -23.77 -14.99 -3.02
CA MET C 256 -24.66 -14.96 -1.86
C MET C 256 -24.41 -16.15 -0.91
N LYS C 257 -24.19 -15.86 0.39
CA LYS C 257 -23.97 -16.89 1.40
C LYS C 257 -25.14 -16.84 2.39
N LYS C 258 -25.59 -18.02 2.83
CA LYS C 258 -26.50 -18.13 3.95
C LYS C 258 -25.68 -18.25 5.23
N TYR C 259 -26.09 -17.45 6.23
CA TYR C 259 -25.54 -17.52 7.58
C TYR C 259 -26.69 -17.82 8.52
N PHE C 260 -26.44 -18.76 9.43
CA PHE C 260 -27.30 -18.97 10.58
C PHE C 260 -27.21 -17.76 11.51
N VAL C 261 -28.29 -17.50 12.25
CA VAL C 261 -28.29 -16.52 13.35
C VAL C 261 -28.83 -17.23 14.59
N GLY C 262 -28.37 -16.78 15.78
CA GLY C 262 -28.74 -17.36 17.06
C GLY C 262 -27.80 -16.96 18.20
N VAL C 263 -28.27 -17.10 19.46
CA VAL C 263 -27.54 -16.66 20.64
C VAL C 263 -26.43 -17.69 20.86
N ASN C 264 -25.21 -17.24 21.21
CA ASN C 264 -24.11 -18.18 21.31
C ASN C 264 -23.86 -18.52 22.77
N SER C 265 -22.93 -19.48 22.97
CA SER C 265 -22.51 -19.93 24.31
C SER C 265 -22.44 -18.75 25.26
N ALA C 266 -21.82 -17.66 24.80
CA ALA C 266 -21.52 -16.50 25.63
C ALA C 266 -22.63 -15.47 25.57
N GLY C 267 -23.84 -15.87 25.10
CA GLY C 267 -25.01 -15.01 25.25
C GLY C 267 -24.98 -13.78 24.33
N LYS C 268 -24.43 -13.96 23.14
CA LYS C 268 -24.30 -12.87 22.18
C LYS C 268 -24.94 -13.33 20.88
N VAL C 269 -25.56 -12.41 20.15
CA VAL C 269 -26.10 -12.73 18.82
C VAL C 269 -24.91 -12.83 17.88
N ALA C 270 -24.91 -13.89 17.06
CA ALA C 270 -23.75 -14.28 16.26
C ALA C 270 -24.24 -14.96 15.00
N ILE C 271 -23.33 -15.12 14.06
CA ILE C 271 -23.65 -15.57 12.72
C ILE C 271 -22.51 -16.46 12.26
N SER C 272 -22.88 -17.54 11.55
CA SER C 272 -21.94 -18.56 11.12
C SER C 272 -22.49 -19.17 9.84
N ALA C 273 -21.59 -19.57 8.96
CA ALA C 273 -21.85 -20.45 7.85
C ALA C 273 -22.43 -21.78 8.34
N LYS C 274 -22.16 -22.09 9.62
CA LYS C 274 -22.69 -23.30 10.25
C LYS C 274 -23.50 -22.90 11.48
N GLU C 275 -24.19 -23.90 12.05
CA GLU C 275 -25.21 -23.65 13.04
C GLU C 275 -24.53 -23.20 14.32
N ILE C 276 -25.10 -22.15 14.93
CA ILE C 276 -24.65 -21.64 16.20
C ILE C 276 -25.05 -22.64 17.28
N LYS C 277 -24.09 -23.48 17.70
CA LYS C 277 -24.26 -24.44 18.78
C LYS C 277 -22.92 -25.07 19.16
N GLU C 278 -22.88 -25.73 20.33
CA GLU C 278 -21.74 -26.54 20.71
C GLU C 278 -20.52 -25.63 20.93
N ASP C 279 -19.42 -25.87 20.23
CA ASP C 279 -18.29 -24.96 20.31
C ASP C 279 -18.34 -23.87 19.22
N ASN C 280 -19.27 -23.94 18.25
CA ASN C 280 -19.32 -23.00 17.13
C ASN C 280 -19.89 -21.67 17.61
N ILE C 281 -19.00 -20.78 18.08
CA ILE C 281 -19.47 -19.61 18.79
C ILE C 281 -19.76 -18.45 17.83
N GLY C 282 -19.39 -18.60 16.55
CA GLY C 282 -19.62 -17.58 15.53
C GLY C 282 -18.98 -16.22 15.88
N ALA C 283 -19.21 -15.24 14.98
CA ALA C 283 -18.89 -13.82 15.13
C ALA C 283 -20.06 -13.02 15.66
N GLN C 284 -19.90 -12.25 16.74
CA GLN C 284 -20.93 -11.38 17.26
C GLN C 284 -21.32 -10.30 16.26
N VAL C 285 -22.63 -10.01 16.13
CA VAL C 285 -23.10 -8.94 15.25
C VAL C 285 -23.06 -7.62 16.03
N LEU C 286 -22.71 -6.54 15.33
CA LEU C 286 -22.19 -5.36 15.97
C LEU C 286 -23.05 -4.13 15.69
N GLY C 287 -23.50 -3.98 14.44
CA GLY C 287 -24.37 -2.85 14.06
C GLY C 287 -25.00 -3.01 12.68
N LEU C 288 -25.84 -2.06 12.28
CA LEU C 288 -26.50 -2.10 10.99
C LEU C 288 -26.42 -0.74 10.31
N PHE C 289 -26.26 -0.76 8.97
CA PHE C 289 -26.27 0.42 8.14
C PHE C 289 -27.43 0.33 7.15
N THR C 290 -28.03 1.47 6.81
CA THR C 290 -29.33 1.56 6.15
C THR C 290 -29.24 2.58 5.01
N LEU C 291 -29.79 2.29 3.83
CA LEU C 291 -29.89 3.26 2.75
C LEU C 291 -31.30 3.22 2.19
N SER C 292 -31.91 4.40 2.13
CA SER C 292 -33.27 4.53 1.63
C SER C 292 -33.18 5.05 0.21
N THR C 293 -34.26 4.90 -0.55
CA THR C 293 -34.24 5.19 -1.97
C THR C 293 -34.30 6.70 -2.22
N GLY C 294 -34.91 7.42 -1.28
CA GLY C 294 -35.09 8.86 -1.40
C GLY C 294 -36.20 9.27 -2.36
N GLN C 295 -37.22 8.41 -2.53
CA GLN C 295 -38.19 8.57 -3.61
C GLN C 295 -39.23 9.62 -3.21
N ASP C 296 -39.42 9.84 -1.91
CA ASP C 296 -40.21 10.96 -1.45
C ASP C 296 -39.64 12.26 -2.03
N SER C 297 -38.30 12.35 -2.10
CA SER C 297 -37.61 13.54 -2.55
C SER C 297 -37.53 13.59 -4.07
N TRP C 298 -37.15 12.47 -4.69
CA TRP C 298 -37.10 12.36 -6.14
C TRP C 298 -38.44 12.79 -6.76
N ASN C 299 -39.54 12.47 -6.07
CA ASN C 299 -40.86 12.93 -6.47
C ASN C 299 -41.04 14.34 -5.93
N GLN C 300 -41.01 15.33 -6.86
CA GLN C 300 -40.97 16.74 -6.50
C GLN C 300 -40.69 17.57 -7.76
#